data_8YQ8
#
_entry.id   8YQ8
#
_cell.length_a   57.763
_cell.length_b   156.410
_cell.length_c   165.065
_cell.angle_alpha   90.000
_cell.angle_beta   90.000
_cell.angle_gamma   90.000
#
_symmetry.space_group_name_H-M   'P 21 21 21'
#
loop_
_entity.id
_entity.type
_entity.pdbx_description
1 polymer 'Bifunctional dihydrofolate reductase-thymidylate synthase'
2 non-polymer '4-[4-[4-[2,4-bis(azanyl)-6-ethyl-pyrimidin-5-yl]oxybutoxy]phenyl]benzoic acid'
3 non-polymer 'NADPH DIHYDRO-NICOTINAMIDE-ADENINE-DINUCLEOTIDE PHOSPHATE'
4 non-polymer "2'-DEOXYURIDINE 5'-MONOPHOSPHATE"
5 water water
#
_entity_poly.entity_id   1
_entity_poly.type   'polypeptide(L)'
_entity_poly.pdbx_seq_one_letter_code
;MMEQVCDVFDIYAICACCKVESKNEGKKNEVFNNYTFRGLGNKGVLPWKCISLDMKYFRAVTTYVNESKYEKLKYKRCKY
LNKETVDNVNDMPNSKKLQNVVVMGRTNWESIPKKFKPLSNRINVILSRTLKKEDFDEDVYIINKVEDLIVLLGKLNYYK
CFILGGSVVYQEFLEKKLIKKIYFTRINSTYECDVFFPEINENEYQIISVSDVYTSNNTTLDFIIYKKTNNKMLNEQNCI
KGEEKNNDMPLKNDDKDTCHMKKLTEFYKNVDKYKINYENDDDDEEEDDFVYFNFNKEKEEKNKNSIHPNDFQIYNSLKY
KYHPEYQYLNIIYDIMMNGNKQSDRTGVGVLSKFGYIMKFDLSQYFPLLTTKKLFLRGIIEELLWFIRGETNGNTLLNKN
VRIWEANGTREFLDNRKLFHREVNDLGPIYGFQWRHFGAEYTNMYDNYENKGVDQLKNIINLIKNDPTSRRILLCAWNVK
DLDQMALPPCHILCQFYVFDGKLSCIMYQRSCDLGLGVPFNIASYSIFTHMIAQVCNLQPAQFIHVLGNAHVYNNHIDSL
KIQLNRIPYPFPTLKLNPDIKNIEDFTISDFTIQNYVHHEKISMDMAA
;
_entity_poly.pdbx_strand_id   A,B
#
# COMPACT_ATOMS: atom_id res chain seq x y z
N GLU A 3 35.43 -23.82 -0.88
CA GLU A 3 34.75 -23.07 0.22
C GLU A 3 35.72 -22.05 0.81
N GLN A 4 35.19 -20.92 1.31
CA GLN A 4 36.04 -19.99 2.04
C GLN A 4 35.82 -20.15 3.54
N VAL A 5 36.84 -19.73 4.29
CA VAL A 5 36.83 -19.78 5.74
C VAL A 5 35.63 -18.97 6.26
N CYS A 6 35.44 -17.75 5.71
CA CYS A 6 34.35 -16.89 6.15
C CYS A 6 32.98 -17.52 5.92
N ASP A 7 32.82 -18.42 4.95
CA ASP A 7 31.51 -19.01 4.67
C ASP A 7 31.31 -20.22 5.57
N VAL A 8 32.35 -21.01 5.78
CA VAL A 8 32.21 -22.18 6.63
C VAL A 8 31.81 -21.75 8.05
N PHE A 9 32.57 -20.76 8.54
CA PHE A 9 32.48 -20.40 9.95
C PHE A 9 31.56 -19.21 10.22
N ASP A 10 31.02 -18.60 9.14
CA ASP A 10 30.01 -17.55 9.24
C ASP A 10 30.58 -16.35 10.00
N ILE A 11 31.64 -15.76 9.45
CA ILE A 11 32.29 -14.64 10.09
C ILE A 11 31.79 -13.33 9.44
N TYR A 12 31.27 -12.44 10.30
CA TYR A 12 30.67 -11.18 9.88
C TYR A 12 31.44 -10.07 10.58
N ALA A 13 31.40 -8.84 10.05
CA ALA A 13 31.75 -7.62 10.77
C ALA A 13 30.47 -6.84 11.08
N ILE A 14 30.46 -6.18 12.25
CA ILE A 14 29.47 -5.17 12.56
C ILE A 14 30.21 -3.98 13.14
N CYS A 15 29.75 -2.81 12.70
CA CYS A 15 30.40 -1.54 13.03
C CYS A 15 29.39 -0.40 13.02
N ALA A 16 29.84 0.75 13.57
CA ALA A 16 29.12 2.02 13.42
C ALA A 16 30.08 3.16 13.13
N CYS A 17 29.78 3.92 12.04
CA CYS A 17 30.66 4.98 11.56
C CYS A 17 29.94 6.32 11.36
N CYS A 18 30.59 7.39 11.87
CA CYS A 18 30.09 8.74 11.76
C CYS A 18 30.89 9.45 10.67
N LYS A 19 30.54 10.71 10.47
CA LYS A 19 31.31 11.59 9.60
C LYS A 19 32.40 12.25 10.45
N VAL A 20 33.44 12.68 9.75
CA VAL A 20 34.64 13.21 10.37
C VAL A 20 35.00 14.59 9.81
N GLU A 21 35.73 15.38 10.59
CA GLU A 21 35.98 16.77 10.28
C GLU A 21 37.21 16.87 9.38
N SER A 22 37.12 17.65 8.30
CA SER A 22 38.29 17.96 7.49
C SER A 22 37.99 19.17 6.58
N GLU A 30 31.05 20.15 -1.15
CA GLU A 30 31.76 18.92 -0.68
C GLU A 30 31.15 17.68 -1.33
N VAL A 31 32.00 16.68 -1.54
CA VAL A 31 31.60 15.48 -2.24
C VAL A 31 31.26 14.43 -1.18
N PHE A 32 30.20 13.67 -1.44
CA PHE A 32 29.82 12.56 -0.57
C PHE A 32 29.97 11.26 -1.35
N ASN A 33 30.40 10.23 -0.62
CA ASN A 33 30.45 8.84 -1.06
C ASN A 33 30.31 7.94 0.18
N ASN A 34 30.38 6.62 0.03
CA ASN A 34 30.21 5.70 1.16
C ASN A 34 31.31 5.90 2.21
N TYR A 35 32.48 6.43 1.76
CA TYR A 35 33.62 6.70 2.63
C TYR A 35 33.40 7.95 3.50
N THR A 36 32.35 8.74 3.22
CA THR A 36 31.93 9.80 4.14
C THR A 36 31.69 9.26 5.56
N PHE A 37 31.14 8.05 5.69
CA PHE A 37 30.91 7.45 6.97
C PHE A 37 32.13 6.61 7.30
N ARG A 38 33.02 7.10 8.17
CA ARG A 38 34.19 6.30 8.45
C ARG A 38 34.77 6.45 9.85
N GLY A 39 34.21 7.31 10.69
CA GLY A 39 34.70 7.52 12.04
C GLY A 39 34.26 6.41 12.98
N LEU A 40 35.24 5.79 13.65
CA LEU A 40 35.00 4.71 14.60
C LEU A 40 35.19 5.15 16.04
N GLY A 41 36.29 5.87 16.32
CA GLY A 41 36.70 6.06 17.69
C GLY A 41 37.51 7.33 17.91
N ASN A 42 37.63 7.72 19.17
CA ASN A 42 38.46 8.85 19.52
C ASN A 42 39.06 8.63 20.91
N LYS A 43 40.40 8.72 21.02
CA LYS A 43 41.08 8.59 22.31
C LYS A 43 40.66 7.29 23.02
N GLY A 44 40.59 6.20 22.25
CA GLY A 44 40.38 4.86 22.78
C GLY A 44 38.93 4.55 23.18
N VAL A 45 38.01 5.54 23.09
CA VAL A 45 36.58 5.30 23.33
C VAL A 45 35.77 5.76 22.10
N LEU A 46 34.43 5.71 22.19
CA LEU A 46 33.62 6.01 21.02
C LEU A 46 33.55 7.52 20.82
N PRO A 47 33.34 8.01 19.58
CA PRO A 47 33.34 9.45 19.30
C PRO A 47 32.15 10.24 19.82
N TRP A 48 31.08 9.53 20.13
CA TRP A 48 29.82 10.12 20.54
C TRP A 48 29.49 9.56 21.92
N LYS A 49 28.64 10.29 22.65
CA LYS A 49 27.90 9.72 23.78
C LYS A 49 26.85 8.74 23.26
N CYS A 50 26.14 8.01 24.13
CA CYS A 50 25.40 6.83 23.73
C CYS A 50 24.46 7.16 22.59
N ILE A 51 24.57 6.40 21.48
CA ILE A 51 23.47 6.38 20.55
C ILE A 51 22.71 5.08 20.82
N SER A 52 21.61 5.18 21.56
CA SER A 52 21.04 3.98 22.16
C SER A 52 20.39 3.05 21.14
N LEU A 53 19.86 3.62 20.04
CA LEU A 53 19.19 2.78 19.08
C LEU A 53 20.22 1.88 18.40
N ASP A 54 21.41 2.40 18.06
CA ASP A 54 22.48 1.56 17.53
C ASP A 54 22.93 0.47 18.52
N MET A 55 22.99 0.79 19.81
CA MET A 55 23.34 -0.21 20.83
C MET A 55 22.29 -1.32 20.83
N LYS A 56 21.02 -0.94 20.64
CA LYS A 56 19.95 -1.94 20.63
C LYS A 56 20.06 -2.82 19.40
N TYR A 57 20.37 -2.23 18.25
CA TYR A 57 20.57 -3.00 17.03
C TYR A 57 21.76 -3.96 17.17
N PHE A 58 22.86 -3.42 17.70
CA PHE A 58 24.11 -4.16 17.83
C PHE A 58 23.89 -5.38 18.75
N ARG A 59 23.15 -5.20 19.87
CA ARG A 59 22.82 -6.31 20.76
C ARG A 59 21.91 -7.32 20.07
N ALA A 60 20.87 -6.86 19.37
CA ALA A 60 19.96 -7.78 18.70
C ALA A 60 20.71 -8.64 17.69
N VAL A 61 21.56 -8.04 16.85
CA VAL A 61 22.25 -8.78 15.80
C VAL A 61 23.25 -9.77 16.40
N THR A 62 24.03 -9.31 17.40
CA THR A 62 25.13 -10.14 17.88
C THR A 62 24.59 -11.17 18.87
N THR A 63 23.32 -11.06 19.34
CA THR A 63 22.83 -12.05 20.28
C THR A 63 21.86 -13.04 19.63
N TYR A 64 21.26 -12.71 18.47
CA TYR A 64 20.23 -13.55 17.86
C TYR A 64 20.78 -14.88 17.34
N VAL A 65 20.04 -15.97 17.62
CA VAL A 65 20.43 -17.28 17.11
C VAL A 65 19.14 -18.00 16.72
N ASN A 66 19.27 -18.85 15.69
CA ASN A 66 18.19 -19.71 15.20
C ASN A 66 18.63 -21.16 15.37
N GLU A 67 18.17 -21.77 16.48
CA GLU A 67 18.60 -23.11 16.85
C GLU A 67 18.33 -24.10 15.70
N SER A 68 17.18 -23.92 15.02
CA SER A 68 16.76 -24.88 14.02
C SER A 68 17.70 -24.87 12.81
N LYS A 69 18.67 -23.96 12.76
CA LYS A 69 19.56 -23.88 11.62
C LYS A 69 20.96 -24.34 11.97
N TYR A 70 21.21 -24.64 13.26
CA TYR A 70 22.56 -24.96 13.66
C TYR A 70 22.95 -26.30 13.03
N GLU A 71 22.02 -27.26 13.05
CA GLU A 71 22.31 -28.61 12.59
C GLU A 71 22.96 -28.57 11.21
N LYS A 72 22.44 -27.75 10.30
CA LYS A 72 23.05 -27.63 8.97
C LYS A 72 24.41 -26.93 9.05
N LEU A 73 24.55 -25.94 9.93
CA LEU A 73 25.81 -25.26 10.10
C LEU A 73 26.86 -26.24 10.61
N LYS A 74 26.50 -27.03 11.64
CA LYS A 74 27.40 -27.98 12.26
C LYS A 74 27.90 -29.00 11.22
N TYR A 75 26.98 -29.45 10.36
CA TYR A 75 27.32 -30.35 9.28
C TYR A 75 28.35 -29.70 8.36
N LYS A 76 28.13 -28.44 7.99
CA LYS A 76 28.98 -27.81 6.98
C LYS A 76 30.41 -27.72 7.47
N ARG A 77 30.56 -27.35 8.75
CA ARG A 77 31.85 -27.13 9.37
C ARG A 77 32.51 -28.49 9.60
N CYS A 78 31.68 -29.47 9.99
CA CYS A 78 32.16 -30.83 10.08
C CYS A 78 32.81 -31.30 8.78
N LYS A 79 32.15 -31.13 7.64
CA LYS A 79 32.72 -31.59 6.38
C LYS A 79 34.06 -30.91 6.15
N TYR A 80 34.05 -29.58 6.29
CA TYR A 80 35.23 -28.78 6.05
C TYR A 80 36.43 -29.31 6.84
N LEU A 81 36.20 -29.80 8.08
CA LEU A 81 37.27 -30.23 8.97
C LEU A 81 37.38 -31.75 9.03
N ASN A 82 36.29 -32.45 8.68
CA ASN A 82 36.17 -33.90 8.61
C ASN A 82 35.57 -34.39 9.94
N LYS A 97 22.21 -23.13 25.98
CA LYS A 97 21.61 -22.56 24.75
C LYS A 97 22.72 -22.11 23.79
N LEU A 98 22.45 -22.22 22.49
CA LEU A 98 23.39 -21.84 21.46
C LEU A 98 23.68 -20.32 21.50
N GLN A 99 24.88 -19.91 21.13
CA GLN A 99 25.24 -18.50 21.28
C GLN A 99 26.13 -18.11 20.12
N ASN A 100 26.24 -16.79 19.83
CA ASN A 100 27.21 -16.31 18.87
C ASN A 100 28.54 -16.11 19.57
N VAL A 101 29.61 -16.10 18.78
CA VAL A 101 30.93 -15.71 19.19
C VAL A 101 31.10 -14.27 18.78
N VAL A 102 31.67 -13.44 19.67
CA VAL A 102 32.04 -12.08 19.32
C VAL A 102 33.54 -11.89 19.56
N VAL A 103 34.21 -11.17 18.67
CA VAL A 103 35.65 -11.01 18.74
C VAL A 103 36.00 -9.52 18.76
N MET A 104 36.83 -9.16 19.74
CA MET A 104 37.24 -7.79 19.98
C MET A 104 38.76 -7.68 20.05
N GLY A 105 39.25 -6.58 19.46
CA GLY A 105 40.59 -6.09 19.72
C GLY A 105 40.74 -5.75 21.19
N ARG A 106 41.98 -5.76 21.68
CA ARG A 106 42.20 -5.50 23.08
C ARG A 106 41.75 -4.09 23.43
N THR A 107 42.03 -3.10 22.56
CA THR A 107 41.65 -1.72 22.84
C THR A 107 40.12 -1.58 22.90
N ASN A 108 39.44 -2.23 21.97
CA ASN A 108 37.98 -2.27 22.02
C ASN A 108 37.48 -2.80 23.36
N TRP A 109 38.01 -3.95 23.79
CA TRP A 109 37.60 -4.54 25.05
C TRP A 109 37.72 -3.53 26.20
N GLU A 110 38.87 -2.82 26.28
CA GLU A 110 39.12 -1.93 27.41
C GLU A 110 38.20 -0.70 27.33
N SER A 111 37.60 -0.42 26.17
CA SER A 111 36.73 0.74 26.00
C SER A 111 35.35 0.46 26.57
N ILE A 112 35.01 -0.79 26.82
CA ILE A 112 33.69 -1.16 27.26
C ILE A 112 33.57 -0.98 28.78
N PRO A 113 32.50 -0.32 29.29
CA PRO A 113 32.28 -0.22 30.74
C PRO A 113 32.19 -1.58 31.42
N LYS A 114 32.80 -1.67 32.58
CA LYS A 114 32.94 -2.90 33.35
C LYS A 114 31.59 -3.60 33.47
N LYS A 115 30.55 -2.83 33.82
CA LYS A 115 29.24 -3.43 33.97
C LYS A 115 28.74 -4.09 32.68
N PHE A 116 29.36 -3.89 31.52
CA PHE A 116 28.82 -4.47 30.30
C PHE A 116 29.61 -5.70 29.88
N LYS A 117 30.68 -6.04 30.62
CA LYS A 117 31.67 -7.02 30.20
C LYS A 117 31.60 -8.26 31.10
N PRO A 118 31.74 -9.52 30.61
CA PRO A 118 31.74 -9.82 29.17
C PRO A 118 30.35 -9.60 28.58
N LEU A 119 30.27 -9.40 27.26
CA LEU A 119 29.01 -9.10 26.58
C LEU A 119 28.05 -10.28 26.82
N SER A 120 26.84 -9.99 27.29
CA SER A 120 25.98 -11.04 27.82
C SER A 120 25.39 -11.88 26.70
N ASN A 121 25.20 -13.18 26.99
CA ASN A 121 24.59 -14.13 26.09
C ASN A 121 25.43 -14.34 24.84
N ARG A 122 26.72 -13.98 24.90
CA ARG A 122 27.67 -14.19 23.81
C ARG A 122 28.97 -14.80 24.33
N ILE A 123 29.61 -15.61 23.47
CA ILE A 123 30.95 -16.13 23.69
C ILE A 123 31.93 -15.01 23.36
N ASN A 124 32.64 -14.52 24.37
CA ASN A 124 33.54 -13.38 24.17
C ASN A 124 34.96 -13.83 23.86
N VAL A 125 35.53 -13.25 22.78
CA VAL A 125 36.89 -13.55 22.35
C VAL A 125 37.72 -12.26 22.18
N ILE A 126 38.89 -12.20 22.83
CA ILE A 126 39.74 -11.02 22.75
C ILE A 126 41.06 -11.35 22.07
N LEU A 127 41.47 -10.48 21.13
CA LEU A 127 42.78 -10.51 20.50
C LEU A 127 43.79 -9.63 21.25
N SER A 128 44.95 -10.22 21.60
CA SER A 128 45.99 -9.47 22.30
C SER A 128 47.31 -10.23 22.24
N ARG A 129 48.41 -9.46 22.22
CA ARG A 129 49.76 -9.93 22.49
C ARG A 129 50.17 -9.50 23.88
N THR A 130 49.90 -8.24 24.27
CA THR A 130 50.45 -7.72 25.50
C THR A 130 49.80 -8.35 26.72
N LEU A 131 48.56 -8.84 26.59
CA LEU A 131 47.82 -9.42 27.70
C LEU A 131 47.58 -10.90 27.43
N LYS A 132 47.48 -11.70 28.52
CA LYS A 132 47.23 -13.13 28.47
C LYS A 132 46.06 -13.46 29.40
N LYS A 133 45.62 -14.71 29.47
CA LYS A 133 44.39 -15.02 30.19
C LYS A 133 44.49 -14.76 31.70
N GLU A 134 45.72 -14.75 32.26
CA GLU A 134 45.93 -14.47 33.68
C GLU A 134 45.62 -13.00 34.01
N ASP A 135 45.55 -12.14 32.98
CA ASP A 135 45.27 -10.71 33.16
C ASP A 135 43.76 -10.41 33.14
N PHE A 136 42.89 -11.42 32.98
CA PHE A 136 41.46 -11.17 32.88
C PHE A 136 40.77 -11.98 33.98
N ASP A 137 39.89 -11.31 34.75
CA ASP A 137 39.02 -12.01 35.68
C ASP A 137 37.84 -12.72 34.98
N GLU A 138 37.48 -12.29 33.76
CA GLU A 138 36.16 -12.59 33.20
C GLU A 138 36.17 -13.91 32.42
N ASP A 139 34.96 -14.40 32.11
CA ASP A 139 34.70 -15.52 31.23
C ASP A 139 34.92 -15.11 29.77
N VAL A 140 36.15 -15.26 29.30
CA VAL A 140 36.57 -14.82 27.98
C VAL A 140 37.67 -15.76 27.47
N TYR A 141 37.79 -15.87 26.15
CA TYR A 141 38.92 -16.57 25.53
C TYR A 141 39.89 -15.54 25.00
N ILE A 142 41.18 -15.72 25.29
CA ILE A 142 42.21 -14.88 24.71
C ILE A 142 42.88 -15.62 23.53
N ILE A 143 43.10 -14.91 22.43
CA ILE A 143 43.81 -15.47 21.29
C ILE A 143 44.86 -14.44 20.87
N ASN A 144 46.02 -14.89 20.35
CA ASN A 144 47.13 -13.97 20.10
C ASN A 144 47.48 -13.92 18.61
N LYS A 145 46.63 -14.49 17.77
CA LYS A 145 46.77 -14.35 16.32
C LYS A 145 45.46 -14.81 15.69
N VAL A 146 45.20 -14.33 14.48
CA VAL A 146 43.94 -14.62 13.83
C VAL A 146 43.79 -16.12 13.60
N GLU A 147 44.90 -16.78 13.28
CA GLU A 147 44.84 -18.18 12.89
C GLU A 147 44.20 -18.97 14.04
N ASP A 148 44.44 -18.54 15.29
CA ASP A 148 43.95 -19.22 16.48
C ASP A 148 42.45 -19.01 16.65
N LEU A 149 41.90 -17.99 16.01
CA LEU A 149 40.47 -17.79 16.04
C LEU A 149 39.83 -18.95 15.30
N ILE A 150 40.34 -19.19 14.10
CA ILE A 150 39.78 -20.20 13.21
C ILE A 150 39.87 -21.57 13.88
N VAL A 151 41.02 -21.89 14.47
CA VAL A 151 41.14 -23.12 15.24
C VAL A 151 40.05 -23.17 16.31
N LEU A 152 39.89 -22.07 17.07
CA LEU A 152 38.90 -22.00 18.16
C LEU A 152 37.51 -22.30 17.62
N LEU A 153 37.12 -21.66 16.49
CA LEU A 153 35.78 -21.80 15.93
C LEU A 153 35.50 -23.27 15.55
N GLY A 154 36.56 -23.96 15.04
CA GLY A 154 36.49 -25.37 14.78
C GLY A 154 36.20 -26.22 16.02
N LYS A 155 36.44 -25.69 17.22
CA LYS A 155 36.26 -26.47 18.44
C LYS A 155 34.98 -26.10 19.17
N LEU A 156 34.32 -25.00 18.80
CA LEU A 156 33.17 -24.57 19.60
C LEU A 156 31.89 -24.91 18.88
N ASN A 157 30.84 -25.00 19.68
CA ASN A 157 29.46 -24.88 19.28
C ASN A 157 29.02 -23.42 19.35
N TYR A 158 28.64 -22.86 18.19
CA TYR A 158 28.18 -21.49 18.08
C TYR A 158 27.43 -21.31 16.76
N TYR A 159 26.61 -20.26 16.71
CA TYR A 159 25.78 -19.95 15.55
C TYR A 159 26.58 -19.13 14.54
N LYS A 160 26.86 -17.86 14.87
CA LYS A 160 27.66 -17.01 13.99
C LYS A 160 28.79 -16.34 14.78
N CYS A 161 29.75 -15.79 14.02
CA CYS A 161 30.90 -15.08 14.54
C CYS A 161 30.92 -13.63 14.05
N PHE A 162 30.83 -12.70 15.02
CA PHE A 162 30.80 -11.26 14.78
C PHE A 162 32.13 -10.63 15.23
N ILE A 163 32.83 -9.99 14.27
CA ILE A 163 34.01 -9.20 14.54
C ILE A 163 33.58 -7.77 14.91
N LEU A 164 33.97 -7.29 16.11
CA LEU A 164 33.37 -6.12 16.76
C LEU A 164 34.28 -4.89 16.66
N GLY A 165 35.42 -5.03 15.98
CA GLY A 165 36.43 -3.99 15.84
C GLY A 165 37.44 -4.08 16.98
N GLY A 166 38.27 -3.05 17.14
CA GLY A 166 38.25 -1.79 16.41
C GLY A 166 38.98 -1.83 15.08
N SER A 167 39.62 -0.71 14.78
CA SER A 167 40.11 -0.43 13.44
C SER A 167 41.20 -1.40 13.03
N VAL A 168 42.15 -1.68 13.93
CA VAL A 168 43.20 -2.64 13.60
C VAL A 168 42.58 -3.99 13.26
N VAL A 169 41.59 -4.41 14.05
CA VAL A 169 40.98 -5.72 13.86
C VAL A 169 40.17 -5.78 12.56
N TYR A 170 39.37 -4.76 12.25
CA TYR A 170 38.61 -4.76 10.99
C TYR A 170 39.56 -4.88 9.80
N GLN A 171 40.62 -4.03 9.81
CA GLN A 171 41.65 -3.95 8.80
C GLN A 171 42.15 -5.35 8.45
N GLU A 172 42.68 -6.07 9.43
CA GLU A 172 43.29 -7.36 9.16
C GLU A 172 42.24 -8.42 8.76
N PHE A 173 41.01 -8.36 9.27
CA PHE A 173 40.01 -9.34 8.87
C PHE A 173 39.52 -9.11 7.44
N LEU A 174 39.37 -7.84 7.06
CA LEU A 174 39.04 -7.50 5.68
C LEU A 174 40.20 -7.90 4.74
N GLU A 175 41.44 -7.51 5.10
CA GLU A 175 42.58 -7.75 4.25
C GLU A 175 42.65 -9.22 3.86
N LYS A 176 42.32 -10.10 4.82
CA LYS A 176 42.44 -11.54 4.64
C LYS A 176 41.17 -12.15 4.06
N LYS A 177 40.17 -11.33 3.71
CA LYS A 177 38.99 -11.86 3.05
C LYS A 177 38.15 -12.77 3.97
N LEU A 178 38.19 -12.52 5.28
CA LEU A 178 37.56 -13.38 6.28
C LEU A 178 36.17 -12.87 6.71
N ILE A 179 35.63 -11.88 6.00
CA ILE A 179 34.34 -11.27 6.34
C ILE A 179 33.34 -11.58 5.22
N LYS A 180 32.21 -12.18 5.60
CA LYS A 180 31.16 -12.53 4.65
C LYS A 180 30.26 -11.32 4.39
N LYS A 181 29.90 -10.60 5.47
CA LYS A 181 29.06 -9.41 5.38
C LYS A 181 29.49 -8.40 6.43
N ILE A 182 29.20 -7.11 6.15
CA ILE A 182 29.45 -6.02 7.06
C ILE A 182 28.11 -5.41 7.40
N TYR A 183 27.74 -5.51 8.69
CA TYR A 183 26.61 -4.79 9.20
C TYR A 183 27.10 -3.41 9.64
N PHE A 184 26.67 -2.41 8.89
CA PHE A 184 27.26 -1.09 8.96
C PHE A 184 26.21 -0.07 9.32
N THR A 185 26.41 0.58 10.46
CA THR A 185 25.54 1.66 10.87
C THR A 185 26.10 2.99 10.34
N ARG A 186 25.28 3.75 9.60
CA ARG A 186 25.62 5.11 9.19
C ARG A 186 25.06 6.13 10.17
N ILE A 187 25.97 6.70 10.96
CA ILE A 187 25.68 7.73 11.93
C ILE A 187 25.80 9.10 11.24
N ASN A 188 24.67 9.78 11.09
CA ASN A 188 24.64 10.95 10.24
C ASN A 188 24.88 12.23 11.03
N SER A 189 26.09 12.30 11.58
CA SER A 189 26.54 13.44 12.32
C SER A 189 28.06 13.35 12.39
N THR A 190 28.68 14.47 12.77
CA THR A 190 30.11 14.63 12.63
C THR A 190 30.71 14.64 14.03
N TYR A 191 31.81 13.88 14.24
CA TYR A 191 32.51 13.97 15.52
C TYR A 191 34.00 13.95 15.27
N GLU A 192 34.75 14.37 16.29
CA GLU A 192 36.20 14.27 16.29
C GLU A 192 36.57 12.78 16.39
N CYS A 193 37.36 12.28 15.42
CA CYS A 193 37.83 10.92 15.45
C CYS A 193 39.34 10.86 15.28
N ASP A 194 39.95 9.79 15.79
CA ASP A 194 41.36 9.49 15.55
C ASP A 194 41.54 8.10 14.95
N VAL A 195 40.47 7.30 14.80
CA VAL A 195 40.55 6.01 14.13
C VAL A 195 39.32 5.84 13.25
N PHE A 196 39.49 5.05 12.18
CA PHE A 196 38.63 5.08 11.02
C PHE A 196 38.43 3.67 10.49
N PHE A 197 37.22 3.36 10.02
CA PHE A 197 36.98 2.10 9.36
C PHE A 197 37.77 2.09 8.05
N PRO A 198 38.29 0.94 7.61
CA PRO A 198 38.92 0.83 6.30
C PRO A 198 38.00 1.28 5.18
N GLU A 199 38.61 1.89 4.15
CA GLU A 199 37.90 2.18 2.92
C GLU A 199 37.49 0.84 2.30
N ILE A 200 36.20 0.63 2.11
CA ILE A 200 35.66 -0.62 1.59
C ILE A 200 35.85 -0.64 0.06
N ASN A 201 36.36 -1.74 -0.50
CA ASN A 201 36.58 -1.83 -1.94
C ASN A 201 35.30 -2.32 -2.63
N GLU A 202 34.71 -1.44 -3.44
CA GLU A 202 33.40 -1.62 -4.04
C GLU A 202 33.38 -2.81 -4.99
N ASN A 203 34.55 -3.35 -5.33
CA ASN A 203 34.63 -4.55 -6.15
C ASN A 203 34.68 -5.80 -5.29
N GLU A 204 34.99 -5.66 -3.99
CA GLU A 204 34.97 -6.80 -3.08
C GLU A 204 33.62 -6.91 -2.39
N TYR A 205 33.01 -5.74 -2.11
CA TYR A 205 31.85 -5.62 -1.26
C TYR A 205 30.86 -4.67 -1.95
N GLN A 206 29.59 -5.06 -1.95
CA GLN A 206 28.53 -4.16 -2.38
C GLN A 206 27.32 -4.22 -1.44
N ILE A 207 26.63 -3.07 -1.35
CA ILE A 207 25.49 -2.94 -0.49
C ILE A 207 24.36 -3.82 -1.03
N ILE A 208 23.78 -4.67 -0.19
CA ILE A 208 22.65 -5.48 -0.58
C ILE A 208 21.36 -5.04 0.12
N SER A 209 21.44 -4.15 1.10
CA SER A 209 20.26 -3.85 1.90
C SER A 209 20.40 -2.56 2.69
N VAL A 210 19.28 -1.86 2.88
CA VAL A 210 19.29 -0.56 3.53
C VAL A 210 18.04 -0.49 4.37
N SER A 211 18.19 -0.02 5.62
CA SER A 211 17.10 0.00 6.57
C SER A 211 16.28 1.28 6.39
N ASP A 212 15.20 1.35 7.17
CA ASP A 212 14.50 2.57 7.51
C ASP A 212 15.50 3.52 8.16
N VAL A 213 15.11 4.80 8.19
CA VAL A 213 15.93 5.87 8.75
C VAL A 213 15.30 6.20 10.10
N TYR A 214 16.12 6.45 11.11
CA TYR A 214 15.64 6.73 12.46
C TYR A 214 16.36 7.96 13.02
N THR A 215 15.84 8.47 14.13
CA THR A 215 16.51 9.42 14.98
C THR A 215 16.74 8.79 16.37
N SER A 216 17.95 8.97 16.91
CA SER A 216 18.26 8.54 18.25
C SER A 216 19.25 9.54 18.82
N ASN A 217 18.99 10.05 20.01
CA ASN A 217 19.95 10.92 20.67
C ASN A 217 20.35 12.05 19.73
N ASN A 218 19.36 12.66 19.08
CA ASN A 218 19.55 13.85 18.28
C ASN A 218 20.42 13.64 17.06
N THR A 219 20.46 12.42 16.50
CA THR A 219 21.08 12.27 15.18
C THR A 219 20.20 11.32 14.40
N THR A 220 20.25 11.44 13.08
CA THR A 220 19.65 10.39 12.27
C THR A 220 20.74 9.35 12.00
N LEU A 221 20.28 8.16 11.59
CA LEU A 221 21.12 7.01 11.35
C LEU A 221 20.33 6.00 10.53
N ASP A 222 21.03 5.11 9.81
CA ASP A 222 20.38 3.93 9.26
C ASP A 222 21.37 2.76 9.33
N PHE A 223 20.92 1.61 8.85
CA PHE A 223 21.66 0.37 8.92
C PHE A 223 21.69 -0.25 7.54
N ILE A 224 22.89 -0.44 7.00
CA ILE A 224 23.05 -1.07 5.72
C ILE A 224 23.89 -2.33 5.90
N ILE A 225 23.91 -3.15 4.83
CA ILE A 225 24.51 -4.47 4.88
C ILE A 225 25.27 -4.58 3.58
N TYR A 226 26.59 -4.79 3.68
CA TYR A 226 27.43 -5.09 2.53
C TYR A 226 27.60 -6.60 2.44
N LYS A 227 27.66 -7.11 1.20
CA LYS A 227 27.98 -8.52 0.96
C LYS A 227 29.21 -8.62 0.06
N LYS A 228 30.04 -9.66 0.32
CA LYS A 228 31.21 -9.93 -0.49
C LYS A 228 30.73 -10.36 -1.86
N THR A 229 31.31 -9.85 -2.96
CA THR A 229 30.72 -9.97 -4.30
C THR A 229 31.05 -11.29 -4.96
N ASP A 283 4.34 -26.82 5.89
CA ASP A 283 3.12 -26.76 5.03
C ASP A 283 3.43 -25.90 3.82
N ASP A 284 4.24 -26.45 2.90
CA ASP A 284 4.51 -25.86 1.59
C ASP A 284 3.49 -26.36 0.56
N GLU A 285 2.45 -27.07 1.05
CA GLU A 285 1.17 -27.15 0.38
C GLU A 285 0.81 -25.77 -0.16
N GLU A 286 0.87 -24.79 0.76
CA GLU A 286 0.36 -23.45 0.58
C GLU A 286 1.18 -22.76 -0.51
N GLU A 287 2.35 -23.33 -0.85
CA GLU A 287 3.15 -22.80 -1.94
C GLU A 287 2.55 -23.11 -3.31
N ASP A 288 2.07 -24.34 -3.51
CA ASP A 288 1.40 -24.66 -4.77
C ASP A 288 0.14 -23.77 -4.93
N ASP A 289 -0.56 -23.53 -3.82
CA ASP A 289 -1.79 -22.73 -3.87
C ASP A 289 -1.46 -21.33 -4.33
N PHE A 290 -0.32 -20.81 -3.88
CA PHE A 290 0.18 -19.52 -4.35
C PHE A 290 0.25 -19.54 -5.89
N VAL A 291 0.87 -20.57 -6.45
CA VAL A 291 1.00 -20.67 -7.91
C VAL A 291 -0.36 -20.74 -8.59
N TYR A 292 -1.30 -21.53 -8.03
CA TYR A 292 -2.61 -21.67 -8.65
C TYR A 292 -3.25 -20.27 -8.75
N PHE A 293 -3.29 -19.53 -7.62
CA PHE A 293 -3.87 -18.20 -7.61
C PHE A 293 -3.14 -17.27 -8.59
N ASN A 294 -1.93 -17.58 -9.04
CA ASN A 294 -1.28 -16.66 -9.97
C ASN A 294 -1.42 -17.10 -11.42
N PHE A 295 -2.37 -18.00 -11.71
CA PHE A 295 -2.48 -18.60 -13.03
C PHE A 295 -2.78 -17.60 -14.15
N ASN A 296 -2.98 -16.31 -13.85
CA ASN A 296 -3.49 -15.37 -14.85
C ASN A 296 -2.59 -14.13 -15.00
N LYS A 297 -1.34 -14.19 -14.49
CA LYS A 297 -0.44 -13.05 -14.51
C LYS A 297 0.62 -13.22 -15.61
N LYS A 304 6.21 -4.37 -19.78
CA LYS A 304 5.38 -3.60 -20.76
C LYS A 304 6.23 -2.65 -21.60
N ASN A 305 6.90 -1.70 -20.94
CA ASN A 305 7.66 -0.66 -21.62
C ASN A 305 9.06 -1.18 -21.89
N SER A 306 9.66 -0.77 -23.03
CA SER A 306 10.99 -1.21 -23.43
C SER A 306 12.04 -0.34 -22.73
N ILE A 307 11.96 -0.35 -21.40
CA ILE A 307 13.08 -0.08 -20.52
C ILE A 307 13.76 -1.45 -20.33
N HIS A 308 15.09 -1.44 -20.16
CA HIS A 308 15.89 -2.66 -20.21
C HIS A 308 16.23 -3.11 -18.78
N PRO A 309 16.45 -4.43 -18.54
CA PRO A 309 16.60 -4.94 -17.17
C PRO A 309 17.90 -4.43 -16.57
N ASN A 310 19.01 -4.69 -17.27
CA ASN A 310 20.35 -4.24 -16.90
C ASN A 310 20.41 -2.73 -16.67
N ASP A 311 19.39 -1.99 -17.13
CA ASP A 311 19.31 -0.56 -16.87
C ASP A 311 19.04 -0.27 -15.38
N PHE A 312 18.71 -1.28 -14.56
CA PHE A 312 18.51 -1.09 -13.12
C PHE A 312 19.24 -2.15 -12.29
N GLN A 313 20.48 -2.48 -12.66
CA GLN A 313 21.21 -3.58 -12.04
C GLN A 313 21.35 -3.38 -10.53
N ILE A 314 21.86 -2.21 -10.15
CA ILE A 314 22.06 -1.86 -8.75
C ILE A 314 20.71 -1.83 -8.03
N TYR A 315 19.75 -1.05 -8.54
CA TYR A 315 18.42 -0.99 -7.95
C TYR A 315 17.85 -2.40 -7.75
N ASN A 316 18.01 -3.30 -8.73
CA ASN A 316 17.32 -4.58 -8.66
C ASN A 316 18.13 -5.64 -7.89
N SER A 317 19.41 -5.33 -7.64
CA SER A 317 20.30 -6.20 -6.87
C SER A 317 20.09 -6.06 -5.36
N LEU A 318 19.34 -5.06 -4.89
CA LEU A 318 19.11 -4.87 -3.46
C LEU A 318 18.03 -5.82 -2.99
N LYS A 319 18.29 -6.51 -1.88
CA LYS A 319 17.35 -7.44 -1.29
C LYS A 319 16.30 -6.63 -0.55
N TYR A 320 16.71 -5.90 0.50
CA TYR A 320 15.77 -5.11 1.29
C TYR A 320 15.94 -3.60 1.04
N LYS A 321 14.85 -2.97 0.59
CA LYS A 321 14.84 -1.56 0.22
C LYS A 321 13.89 -0.81 1.16
N TYR A 322 14.32 -0.62 2.40
CA TYR A 322 13.42 -0.13 3.43
C TYR A 322 13.63 1.36 3.73
N HIS A 323 14.68 1.98 3.17
CA HIS A 323 14.91 3.41 3.29
C HIS A 323 13.66 4.14 2.71
N PRO A 324 13.04 5.09 3.43
CA PRO A 324 11.83 5.75 2.92
C PRO A 324 11.95 6.43 1.56
N GLU A 325 13.16 6.70 1.09
CA GLU A 325 13.40 7.29 -0.22
C GLU A 325 12.91 6.33 -1.30
N TYR A 326 12.84 5.03 -0.97
CA TYR A 326 12.39 4.01 -1.91
C TYR A 326 10.89 4.15 -2.19
N GLN A 327 10.12 4.83 -1.33
CA GLN A 327 8.72 5.09 -1.68
C GLN A 327 8.64 5.92 -2.97
N TYR A 328 9.59 6.83 -3.14
CA TYR A 328 9.64 7.71 -4.29
C TYR A 328 10.23 6.93 -5.47
N LEU A 329 11.41 6.35 -5.27
CA LEU A 329 12.08 5.61 -6.29
C LEU A 329 11.23 4.45 -6.80
N ASN A 330 10.48 3.75 -5.93
CA ASN A 330 9.69 2.61 -6.39
C ASN A 330 8.53 3.06 -7.28
N ILE A 331 7.95 4.21 -6.97
CA ILE A 331 6.90 4.79 -7.82
C ILE A 331 7.46 5.10 -9.19
N ILE A 332 8.67 5.65 -9.24
CA ILE A 332 9.30 5.92 -10.53
C ILE A 332 9.49 4.65 -11.32
N TYR A 333 10.00 3.60 -10.65
CA TYR A 333 10.13 2.31 -11.28
C TYR A 333 8.80 1.83 -11.83
N ASP A 334 7.76 1.87 -10.96
CA ASP A 334 6.44 1.38 -11.34
C ASP A 334 5.92 2.10 -12.61
N ILE A 335 6.13 3.42 -12.71
CA ILE A 335 5.64 4.15 -13.86
C ILE A 335 6.45 3.77 -15.13
N MET A 336 7.78 3.65 -14.99
CA MET A 336 8.60 3.26 -16.11
C MET A 336 8.16 1.91 -16.64
N MET A 337 7.96 0.93 -15.76
CA MET A 337 7.69 -0.43 -16.20
C MET A 337 6.23 -0.63 -16.62
N ASN A 338 5.27 0.03 -15.96
CA ASN A 338 3.85 -0.26 -16.11
C ASN A 338 3.08 0.98 -16.56
N GLY A 339 3.78 2.09 -16.77
CA GLY A 339 3.16 3.35 -17.12
C GLY A 339 2.43 3.27 -18.45
N ASN A 340 1.45 4.16 -18.60
CA ASN A 340 0.66 4.28 -19.81
C ASN A 340 1.22 5.47 -20.57
N LYS A 341 1.45 5.31 -21.89
CA LYS A 341 2.05 6.37 -22.69
C LYS A 341 0.95 7.32 -23.12
N GLN A 342 1.22 8.62 -22.97
CA GLN A 342 0.19 9.62 -23.18
C GLN A 342 0.86 10.91 -23.63
N SER A 343 0.11 11.72 -24.37
CA SER A 343 0.49 13.09 -24.65
C SER A 343 0.07 13.98 -23.47
N ASP A 344 0.45 15.26 -23.52
CA ASP A 344 0.03 16.18 -22.47
C ASP A 344 0.09 17.62 -22.98
N ARG A 345 -0.58 18.51 -22.24
CA ARG A 345 -0.61 19.94 -22.51
C ARG A 345 0.76 20.48 -22.90
N THR A 346 1.85 19.87 -22.38
CA THR A 346 3.23 20.34 -22.57
C THR A 346 3.75 20.00 -23.98
N GLY A 347 3.38 18.84 -24.53
CA GLY A 347 3.92 18.39 -25.82
C GLY A 347 4.95 17.25 -25.69
N VAL A 348 5.49 17.04 -24.48
CA VAL A 348 6.58 16.08 -24.28
C VAL A 348 6.03 14.65 -24.33
N GLY A 349 4.79 14.46 -23.88
CA GLY A 349 4.33 13.13 -23.55
C GLY A 349 5.02 12.55 -22.29
N VAL A 350 4.38 11.54 -21.72
CA VAL A 350 4.73 11.04 -20.40
C VAL A 350 4.38 9.57 -20.40
N LEU A 351 4.89 8.90 -19.37
CA LEU A 351 4.27 7.69 -18.85
C LEU A 351 3.47 8.07 -17.59
N SER A 352 2.26 7.54 -17.47
CA SER A 352 1.38 7.96 -16.41
C SER A 352 0.76 6.74 -15.72
N LYS A 353 0.47 6.92 -14.44
CA LYS A 353 -0.43 6.06 -13.68
C LYS A 353 -1.26 6.94 -12.76
N PHE A 354 -2.21 6.34 -12.05
CA PHE A 354 -3.22 7.06 -11.29
C PHE A 354 -3.35 6.46 -9.90
N GLY A 355 -3.02 7.25 -8.88
CA GLY A 355 -3.34 6.89 -7.50
C GLY A 355 -2.17 6.23 -6.73
N TYR A 356 -1.41 7.01 -5.96
CA TYR A 356 -0.35 6.43 -5.10
C TYR A 356 -0.36 7.18 -3.78
N ILE A 357 0.18 6.54 -2.74
CA ILE A 357 0.33 7.16 -1.45
C ILE A 357 1.77 6.98 -0.97
N MET A 358 2.40 8.05 -0.45
CA MET A 358 3.68 7.89 0.24
C MET A 358 3.46 8.37 1.67
N LYS A 359 4.19 7.79 2.64
CA LYS A 359 4.15 8.23 4.02
C LYS A 359 5.56 8.49 4.55
N PHE A 360 5.78 9.64 5.18
CA PHE A 360 7.07 10.00 5.74
C PHE A 360 6.89 10.34 7.23
N ASP A 361 7.77 9.75 8.05
CA ASP A 361 7.78 9.95 9.49
C ASP A 361 8.69 11.13 9.86
N LEU A 362 8.06 12.28 10.10
CA LEU A 362 8.79 13.50 10.37
C LEU A 362 9.34 13.49 11.79
N SER A 363 8.83 12.62 12.70
CA SER A 363 9.46 12.43 13.99
C SER A 363 10.84 11.82 13.85
N GLN A 364 11.17 11.09 12.76
CA GLN A 364 12.43 10.39 12.64
C GLN A 364 13.43 10.99 11.65
N TYR A 365 12.96 11.83 10.71
CA TYR A 365 13.81 12.37 9.65
C TYR A 365 13.06 13.47 8.87
N PHE A 366 13.85 14.29 8.15
CA PHE A 366 13.38 15.25 7.18
C PHE A 366 13.57 14.64 5.81
N PRO A 367 12.50 14.28 5.04
CA PRO A 367 12.66 13.53 3.79
C PRO A 367 13.05 14.37 2.57
N LEU A 368 14.25 14.94 2.62
CA LEU A 368 14.83 15.56 1.45
C LEU A 368 15.62 14.53 0.69
N LEU A 369 15.34 14.37 -0.61
CA LEU A 369 15.92 13.28 -1.37
C LEU A 369 17.45 13.39 -1.40
N THR A 370 18.09 12.23 -1.27
CA THR A 370 19.53 12.16 -1.18
C THR A 370 20.14 11.57 -2.46
N THR A 371 19.31 10.97 -3.36
CA THR A 371 19.85 10.36 -4.57
C THR A 371 20.13 11.42 -5.64
N LYS A 372 19.86 12.69 -5.35
CA LYS A 372 20.36 13.82 -6.14
C LYS A 372 20.32 15.03 -5.22
N LYS A 373 20.97 16.12 -5.63
CA LYS A 373 21.08 17.30 -4.79
C LYS A 373 19.85 18.19 -4.93
N LEU A 374 19.31 18.62 -3.78
CA LEU A 374 18.22 19.57 -3.73
C LEU A 374 18.58 20.74 -2.84
N PHE A 375 18.17 21.96 -3.23
CA PHE A 375 18.32 23.13 -2.37
C PHE A 375 16.92 23.63 -2.00
N LEU A 376 16.76 24.18 -0.80
CA LEU A 376 15.43 24.54 -0.29
C LEU A 376 15.21 26.02 -0.07
N ARG A 377 16.20 26.88 -0.35
CA ARG A 377 16.02 28.30 -0.12
C ARG A 377 14.75 28.78 -0.87
N GLY A 378 14.61 28.44 -2.17
CA GLY A 378 13.52 28.91 -3.02
C GLY A 378 12.17 28.39 -2.54
N ILE A 379 12.10 27.08 -2.26
CA ILE A 379 10.81 26.52 -1.83
C ILE A 379 10.45 27.08 -0.46
N ILE A 380 11.43 27.47 0.38
CA ILE A 380 11.06 28.07 1.65
C ILE A 380 10.52 29.48 1.41
N GLU A 381 11.18 30.26 0.55
CA GLU A 381 10.69 31.61 0.22
C GLU A 381 9.30 31.52 -0.40
N GLU A 382 9.01 30.50 -1.23
CA GLU A 382 7.69 30.27 -1.79
C GLU A 382 6.62 30.08 -0.71
N LEU A 383 6.93 29.26 0.30
CA LEU A 383 6.00 28.97 1.37
C LEU A 383 5.72 30.20 2.22
N LEU A 384 6.75 31.01 2.44
CA LEU A 384 6.58 32.20 3.25
C LEU A 384 5.69 33.19 2.47
N TRP A 385 5.91 33.27 1.16
CA TRP A 385 5.14 34.13 0.27
C TRP A 385 3.69 33.69 0.22
N PHE A 386 3.45 32.37 0.23
CA PHE A 386 2.10 31.82 0.27
C PHE A 386 1.41 32.29 1.56
N ILE A 387 2.09 32.11 2.71
CA ILE A 387 1.51 32.37 4.01
C ILE A 387 1.16 33.86 4.13
N ARG A 388 1.98 34.73 3.56
CA ARG A 388 1.70 36.15 3.56
C ARG A 388 0.50 36.50 2.68
N GLY A 389 -0.04 35.54 1.91
CA GLY A 389 -1.14 35.87 1.02
C GLY A 389 -0.73 36.52 -0.30
N GLU A 390 0.55 36.48 -0.65
CA GLU A 390 1.05 37.24 -1.78
C GLU A 390 0.74 36.53 -3.09
N THR A 391 0.52 37.34 -4.12
CA THR A 391 0.38 36.83 -5.48
C THR A 391 1.32 37.54 -6.46
N ASN A 392 2.21 38.38 -5.92
CA ASN A 392 3.13 39.21 -6.70
C ASN A 392 4.42 38.42 -6.96
N GLY A 393 4.60 37.98 -8.20
CA GLY A 393 5.77 37.23 -8.62
C GLY A 393 7.07 38.04 -8.54
N ASN A 394 6.99 39.39 -8.60
CA ASN A 394 8.20 40.20 -8.49
C ASN A 394 8.90 39.97 -7.14
N THR A 395 8.13 39.80 -6.05
CA THR A 395 8.66 39.53 -4.72
C THR A 395 9.63 38.36 -4.77
N LEU A 396 9.22 37.27 -5.42
CA LEU A 396 10.08 36.10 -5.53
C LEU A 396 11.32 36.45 -6.38
N LEU A 397 11.12 37.07 -7.56
CA LEU A 397 12.23 37.34 -8.48
C LEU A 397 13.30 38.22 -7.84
N ASN A 398 12.88 39.15 -6.98
CA ASN A 398 13.76 40.08 -6.28
C ASN A 398 14.58 39.39 -5.20
N LYS A 399 14.19 38.18 -4.81
CA LYS A 399 15.01 37.32 -3.98
C LYS A 399 15.72 36.23 -4.81
N ASN A 400 15.79 36.39 -6.14
CA ASN A 400 16.34 35.40 -7.06
C ASN A 400 15.73 34.01 -6.84
N VAL A 401 14.38 33.97 -6.67
CA VAL A 401 13.64 32.73 -6.73
C VAL A 401 12.75 32.77 -7.97
N ARG A 402 12.96 31.81 -8.88
CA ARG A 402 12.39 31.84 -10.23
C ARG A 402 11.35 30.76 -10.50
N ILE A 403 10.89 30.08 -9.44
CA ILE A 403 9.92 29.00 -9.53
C ILE A 403 8.78 29.48 -10.41
N TRP A 404 8.27 30.72 -10.19
CA TRP A 404 7.05 31.19 -10.87
C TRP A 404 7.31 32.11 -12.06
N GLU A 405 8.57 32.26 -12.50
CA GLU A 405 8.90 33.27 -13.49
C GLU A 405 8.22 32.97 -14.82
N ALA A 406 8.30 31.72 -15.29
CA ALA A 406 7.71 31.42 -16.59
C ALA A 406 6.18 31.52 -16.56
N ASN A 407 5.55 31.39 -15.40
CA ASN A 407 4.11 31.42 -15.38
C ASN A 407 3.58 32.86 -15.32
N GLY A 408 4.48 33.85 -15.34
CA GLY A 408 4.09 35.25 -15.22
C GLY A 408 4.46 36.10 -16.45
N THR A 409 4.99 35.50 -17.51
CA THR A 409 5.44 36.31 -18.64
C THR A 409 4.20 36.85 -19.36
N ARG A 410 4.41 37.90 -20.16
CA ARG A 410 3.37 38.42 -21.03
C ARG A 410 2.75 37.29 -21.85
N GLU A 411 3.60 36.44 -22.43
CA GLU A 411 3.23 35.43 -23.42
C GLU A 411 2.41 34.34 -22.75
N PHE A 412 2.86 33.92 -21.55
CA PHE A 412 2.18 32.89 -20.78
C PHE A 412 0.81 33.42 -20.39
N LEU A 413 0.76 34.64 -19.81
CA LEU A 413 -0.53 35.15 -19.36
C LEU A 413 -1.53 35.30 -20.52
N ASP A 414 -1.06 35.84 -21.65
CA ASP A 414 -1.86 35.95 -22.88
C ASP A 414 -2.36 34.58 -23.39
N ASN A 415 -1.49 33.55 -23.37
CA ASN A 415 -1.89 32.23 -23.79
C ASN A 415 -2.95 31.67 -22.82
N ARG A 416 -3.06 32.26 -21.61
CA ARG A 416 -4.10 31.92 -20.66
C ARG A 416 -5.31 32.81 -20.85
N LYS A 417 -5.27 33.69 -21.85
CA LYS A 417 -6.28 34.70 -22.10
C LYS A 417 -6.37 35.72 -20.94
N LEU A 418 -5.26 35.94 -20.22
CA LEU A 418 -5.27 36.90 -19.14
C LEU A 418 -4.67 38.20 -19.69
N PHE A 419 -5.35 38.77 -20.72
CA PHE A 419 -4.84 39.90 -21.47
C PHE A 419 -4.74 41.15 -20.59
N HIS A 420 -5.63 41.32 -19.60
CA HIS A 420 -5.65 42.48 -18.72
C HIS A 420 -4.90 42.22 -17.39
N ARG A 421 -3.98 41.25 -17.39
CA ARG A 421 -3.15 40.97 -16.22
C ARG A 421 -1.72 41.49 -16.46
N GLU A 422 -1.22 42.32 -15.52
CA GLU A 422 0.19 42.70 -15.47
C GLU A 422 1.11 41.49 -15.36
N VAL A 423 2.29 41.64 -15.97
CA VAL A 423 3.37 40.66 -15.92
C VAL A 423 3.69 40.37 -14.47
N ASN A 424 3.79 39.08 -14.12
CA ASN A 424 4.10 38.57 -12.80
C ASN A 424 2.96 38.77 -11.80
N ASP A 425 1.79 39.17 -12.29
CA ASP A 425 0.59 39.15 -11.49
C ASP A 425 -0.06 37.80 -11.73
N LEU A 426 0.17 36.86 -10.81
CA LEU A 426 -0.18 35.46 -11.02
C LEU A 426 -1.65 35.18 -10.72
N GLY A 427 -2.38 36.20 -10.26
CA GLY A 427 -3.80 35.99 -10.06
C GLY A 427 -4.09 35.34 -8.70
N PRO A 428 -5.34 34.87 -8.48
CA PRO A 428 -5.76 34.30 -7.19
C PRO A 428 -5.30 32.88 -6.87
N ILE A 429 -3.99 32.73 -6.81
CA ILE A 429 -3.36 31.42 -6.57
C ILE A 429 -3.19 31.21 -5.07
N TYR A 430 -2.46 30.15 -4.72
CA TYR A 430 -2.31 29.64 -3.36
C TYR A 430 -2.48 30.68 -2.26
N GLY A 431 -1.56 31.62 -2.15
CA GLY A 431 -1.58 32.55 -1.03
C GLY A 431 -2.92 33.28 -0.87
N PHE A 432 -3.44 33.80 -1.98
CA PHE A 432 -4.74 34.43 -1.99
C PHE A 432 -5.81 33.47 -1.48
N GLN A 433 -5.83 32.20 -1.92
CA GLN A 433 -6.84 31.25 -1.49
C GLN A 433 -6.67 30.90 -0.03
N TRP A 434 -5.42 30.80 0.45
CA TRP A 434 -5.14 30.48 1.83
C TRP A 434 -5.58 31.58 2.79
N ARG A 435 -5.50 32.85 2.35
CA ARG A 435 -5.85 33.92 3.27
C ARG A 435 -7.18 34.62 2.91
N HIS A 436 -7.74 34.39 1.70
CA HIS A 436 -8.84 35.25 1.27
C HIS A 436 -9.81 34.54 0.34
N PHE A 437 -9.98 33.22 0.53
CA PHE A 437 -10.85 32.42 -0.31
C PHE A 437 -12.25 33.04 -0.37
N GLY A 438 -12.65 33.34 -1.61
CA GLY A 438 -14.00 33.80 -1.91
C GLY A 438 -14.02 35.30 -2.15
N ALA A 439 -12.95 36.02 -1.82
CA ALA A 439 -12.87 37.43 -2.17
C ALA A 439 -12.68 37.60 -3.68
N GLU A 440 -13.15 38.75 -4.21
CA GLU A 440 -12.95 39.02 -5.62
C GLU A 440 -11.51 39.50 -5.77
N TYR A 441 -10.77 38.89 -6.69
CA TYR A 441 -9.40 39.28 -6.98
C TYR A 441 -9.40 40.51 -7.90
N THR A 442 -8.62 41.54 -7.53
CA THR A 442 -8.43 42.72 -8.38
C THR A 442 -7.08 42.69 -9.06
N ASN A 443 -6.03 43.07 -8.32
CA ASN A 443 -4.64 42.98 -8.73
C ASN A 443 -3.75 42.62 -7.53
N MET A 444 -2.48 42.38 -7.83
CA MET A 444 -1.49 41.85 -6.90
C MET A 444 -1.09 42.87 -5.86
N TYR A 445 -1.44 44.15 -6.08
CA TYR A 445 -1.14 45.17 -5.10
C TYR A 445 -2.29 45.51 -4.16
N ASP A 446 -3.50 44.98 -4.33
CA ASP A 446 -4.61 45.44 -3.53
C ASP A 446 -4.42 44.97 -2.09
N ASN A 447 -5.07 45.70 -1.20
CA ASN A 447 -5.16 45.35 0.20
C ASN A 447 -6.46 44.58 0.40
N TYR A 448 -6.34 43.26 0.65
CA TYR A 448 -7.51 42.40 0.78
C TYR A 448 -7.80 42.09 2.27
N GLU A 449 -7.31 42.91 3.21
CA GLU A 449 -7.48 42.65 4.63
C GLU A 449 -8.96 42.47 4.96
N ASN A 450 -9.28 41.36 5.64
CA ASN A 450 -10.63 40.96 6.05
C ASN A 450 -11.58 40.69 4.90
N LYS A 451 -11.08 40.34 3.70
CA LYS A 451 -11.94 39.90 2.60
C LYS A 451 -11.68 38.40 2.45
N GLY A 452 -12.77 37.66 2.27
CA GLY A 452 -12.74 36.25 2.00
C GLY A 452 -12.49 35.46 3.27
N VAL A 453 -12.34 34.15 3.12
CA VAL A 453 -12.11 33.31 4.29
C VAL A 453 -10.61 33.10 4.50
N ASP A 454 -10.14 33.46 5.68
CA ASP A 454 -8.78 33.17 6.11
C ASP A 454 -8.70 31.73 6.66
N GLN A 455 -8.57 30.80 5.74
CA GLN A 455 -8.61 29.39 6.06
C GLN A 455 -7.35 29.00 6.82
N LEU A 456 -6.24 29.70 6.61
CA LEU A 456 -5.04 29.32 7.34
C LEU A 456 -5.24 29.59 8.81
N LYS A 457 -5.79 30.75 9.10
CA LYS A 457 -6.12 31.09 10.47
C LYS A 457 -7.12 30.07 11.00
N ASN A 458 -8.15 29.73 10.22
CA ASN A 458 -9.21 28.87 10.70
C ASN A 458 -8.63 27.52 11.08
N ILE A 459 -7.72 26.97 10.25
CA ILE A 459 -7.26 25.62 10.56
C ILE A 459 -6.36 25.62 11.80
N ILE A 460 -5.58 26.68 12.01
CA ILE A 460 -4.75 26.78 13.20
C ILE A 460 -5.64 26.79 14.44
N ASN A 461 -6.74 27.58 14.41
CA ASN A 461 -7.71 27.61 15.48
C ASN A 461 -8.33 26.24 15.71
N LEU A 462 -8.65 25.50 14.64
CA LEU A 462 -9.20 24.17 14.79
C LEU A 462 -8.23 23.19 15.48
N ILE A 463 -6.95 23.24 15.08
CA ILE A 463 -5.96 22.31 15.60
C ILE A 463 -5.81 22.59 17.11
N LYS A 464 -5.76 23.87 17.51
CA LYS A 464 -5.62 24.27 18.90
C LYS A 464 -6.87 23.97 19.74
N ASN A 465 -8.08 24.23 19.24
CA ASN A 465 -9.24 24.20 20.10
C ASN A 465 -10.22 23.06 19.81
N ASP A 466 -10.13 22.42 18.62
CA ASP A 466 -11.02 21.32 18.31
C ASP A 466 -10.22 20.21 17.63
N PRO A 467 -9.18 19.65 18.28
CA PRO A 467 -8.20 18.81 17.60
C PRO A 467 -8.72 17.52 16.98
N THR A 468 -9.86 17.02 17.44
CA THR A 468 -10.40 15.77 16.92
C THR A 468 -11.39 16.03 15.76
N SER A 469 -11.57 17.29 15.38
CA SER A 469 -12.30 17.69 14.18
C SER A 469 -11.81 16.90 12.98
N ARG A 470 -12.77 16.42 12.21
CA ARG A 470 -12.47 15.82 10.91
C ARG A 470 -12.63 16.81 9.78
N ARG A 471 -12.60 18.11 10.09
CA ARG A 471 -12.86 19.15 9.10
C ARG A 471 -11.69 20.12 9.04
N ILE A 472 -10.50 19.68 9.44
CA ILE A 472 -9.36 20.58 9.40
C ILE A 472 -8.66 20.43 8.05
N LEU A 473 -9.10 21.24 7.08
CA LEU A 473 -8.73 21.19 5.68
C LEU A 473 -8.43 22.59 5.18
N LEU A 474 -7.39 22.68 4.39
CA LEU A 474 -6.96 23.88 3.71
C LEU A 474 -7.03 23.58 2.21
N CYS A 475 -7.78 24.37 1.42
CA CYS A 475 -8.09 24.00 0.05
C CYS A 475 -7.74 25.13 -0.92
N ALA A 476 -6.86 24.87 -1.91
CA ALA A 476 -6.47 25.88 -2.88
C ALA A 476 -7.28 25.83 -4.18
N TRP A 477 -7.96 24.71 -4.42
CA TRP A 477 -8.80 24.56 -5.61
C TRP A 477 -10.11 25.31 -5.48
N ASN A 478 -10.08 26.62 -5.79
CA ASN A 478 -11.30 27.41 -5.82
C ASN A 478 -11.84 27.42 -7.27
N VAL A 479 -12.92 26.67 -7.47
CA VAL A 479 -13.46 26.35 -8.79
C VAL A 479 -13.81 27.64 -9.54
N LYS A 480 -14.25 28.64 -8.77
CA LYS A 480 -14.72 29.87 -9.36
C LYS A 480 -13.55 30.65 -9.94
N ASP A 481 -12.38 30.56 -9.29
CA ASP A 481 -11.22 31.39 -9.63
C ASP A 481 -10.22 30.74 -10.59
N LEU A 482 -10.46 29.48 -10.97
CA LEU A 482 -9.44 28.71 -11.67
C LEU A 482 -8.96 29.43 -12.94
N ASP A 483 -9.85 29.98 -13.77
CA ASP A 483 -9.37 30.51 -15.05
C ASP A 483 -8.69 31.88 -14.84
N GLN A 484 -8.74 32.44 -13.63
CA GLN A 484 -8.09 33.71 -13.33
C GLN A 484 -6.67 33.46 -12.82
N MET A 485 -6.39 32.21 -12.46
CA MET A 485 -5.05 31.87 -12.00
C MET A 485 -4.10 31.70 -13.19
N ALA A 486 -2.84 32.10 -13.01
CA ALA A 486 -1.79 31.79 -13.95
C ALA A 486 -1.85 30.31 -14.36
N LEU A 487 -1.95 29.42 -13.35
CA LEU A 487 -2.40 28.06 -13.61
C LEU A 487 -3.08 27.52 -12.36
N PRO A 488 -3.96 26.53 -12.55
CA PRO A 488 -4.69 25.94 -11.44
C PRO A 488 -3.68 25.22 -10.53
N PRO A 489 -3.92 25.18 -9.19
CA PRO A 489 -2.98 24.49 -8.29
C PRO A 489 -2.88 22.97 -8.52
N CYS A 490 -1.67 22.47 -8.38
CA CYS A 490 -1.40 21.05 -8.33
C CYS A 490 -1.68 20.46 -6.96
N HIS A 491 -1.41 21.25 -5.91
CA HIS A 491 -1.61 20.87 -4.53
C HIS A 491 -2.97 21.36 -4.09
N ILE A 492 -3.94 20.45 -4.12
CA ILE A 492 -5.35 20.75 -4.11
C ILE A 492 -5.75 21.08 -2.66
N LEU A 493 -5.30 20.25 -1.71
CA LEU A 493 -5.68 20.41 -0.32
C LEU A 493 -4.69 19.71 0.59
N CYS A 494 -4.65 20.18 1.85
CA CYS A 494 -4.01 19.55 3.00
C CYS A 494 -5.08 19.26 4.04
N GLN A 495 -5.11 18.05 4.57
CA GLN A 495 -5.95 17.75 5.71
C GLN A 495 -5.06 17.41 6.92
N PHE A 496 -5.52 17.78 8.13
CA PHE A 496 -4.70 17.55 9.31
C PHE A 496 -5.40 16.62 10.29
N TYR A 497 -4.54 15.99 11.11
CA TYR A 497 -4.92 14.97 12.07
C TYR A 497 -4.03 15.19 13.28
N VAL A 498 -4.64 15.11 14.46
CA VAL A 498 -3.97 15.32 15.72
C VAL A 498 -4.32 14.14 16.65
N PHE A 499 -3.30 13.52 17.23
CA PHE A 499 -3.50 12.53 18.28
C PHE A 499 -2.31 12.57 19.22
N ASP A 500 -2.59 12.56 20.52
CA ASP A 500 -1.57 12.41 21.55
C ASP A 500 -0.50 13.50 21.37
N GLY A 501 -0.90 14.76 21.14
CA GLY A 501 0.06 15.85 21.07
C GLY A 501 0.85 15.87 19.75
N LYS A 502 0.42 15.12 18.72
CA LYS A 502 1.19 15.00 17.48
C LYS A 502 0.30 15.28 16.27
N LEU A 503 0.87 15.95 15.27
CA LEU A 503 0.19 16.45 14.09
C LEU A 503 0.62 15.69 12.84
N SER A 504 -0.34 15.09 12.12
CA SER A 504 -0.10 14.52 10.80
C SER A 504 -0.84 15.33 9.72
N CYS A 505 -0.35 15.22 8.48
CA CYS A 505 -0.80 16.01 7.33
C CYS A 505 -0.88 15.15 6.08
N ILE A 506 -2.05 15.10 5.44
CA ILE A 506 -2.23 14.57 4.10
C ILE A 506 -2.30 15.75 3.14
N MET A 507 -1.49 15.69 2.06
CA MET A 507 -1.65 16.57 0.91
C MET A 507 -2.02 15.75 -0.32
N TYR A 508 -3.08 16.18 -0.98
CA TYR A 508 -3.57 15.57 -2.21
C TYR A 508 -3.09 16.38 -3.40
N GLN A 509 -2.37 15.71 -4.31
CA GLN A 509 -1.74 16.34 -5.47
C GLN A 509 -2.37 15.78 -6.73
N ARG A 510 -3.12 16.62 -7.45
CA ARG A 510 -3.86 16.22 -8.62
C ARG A 510 -2.93 15.85 -9.76
N SER A 511 -1.74 16.42 -9.77
CA SER A 511 -0.85 16.25 -10.91
C SER A 511 0.58 16.37 -10.45
N CYS A 512 1.41 15.39 -10.83
CA CYS A 512 2.63 15.08 -10.10
C CYS A 512 3.71 14.76 -11.14
N ASP A 513 4.62 15.72 -11.31
CA ASP A 513 5.81 15.55 -12.09
C ASP A 513 6.89 14.87 -11.24
N LEU A 514 7.08 13.56 -11.47
CA LEU A 514 7.87 12.73 -10.57
C LEU A 514 9.33 13.14 -10.58
N GLY A 515 9.86 13.48 -11.76
CA GLY A 515 11.28 13.70 -11.87
C GLY A 515 11.74 15.07 -11.36
N LEU A 516 10.92 16.13 -11.51
CA LEU A 516 11.30 17.47 -11.09
C LEU A 516 10.46 17.99 -9.93
N GLY A 517 9.13 17.91 -10.05
CA GLY A 517 8.23 18.56 -9.10
C GLY A 517 8.17 17.82 -7.76
N VAL A 518 7.93 16.52 -7.79
CA VAL A 518 7.58 15.82 -6.55
C VAL A 518 8.67 15.94 -5.46
N PRO A 519 10.01 15.86 -5.75
CA PRO A 519 11.04 15.95 -4.70
C PRO A 519 10.84 17.22 -3.89
N PHE A 520 10.54 18.32 -4.59
CA PHE A 520 10.40 19.63 -3.96
C PHE A 520 9.07 19.67 -3.21
N ASN A 521 7.98 19.07 -3.75
CA ASN A 521 6.66 19.09 -3.15
C ASN A 521 6.68 18.36 -1.79
N ILE A 522 7.38 17.22 -1.73
CA ILE A 522 7.56 16.51 -0.47
C ILE A 522 8.23 17.45 0.54
N ALA A 523 9.26 18.20 0.11
CA ALA A 523 10.01 19.04 1.05
C ALA A 523 9.13 20.18 1.57
N SER A 524 8.41 20.88 0.66
CA SER A 524 7.54 21.99 1.01
C SER A 524 6.54 21.57 2.07
N TYR A 525 5.75 20.53 1.81
CA TYR A 525 4.68 20.18 2.73
C TYR A 525 5.20 19.59 4.03
N SER A 526 6.41 19.03 3.98
CA SER A 526 7.05 18.54 5.18
C SER A 526 7.40 19.71 6.07
N ILE A 527 8.03 20.73 5.49
CA ILE A 527 8.30 21.96 6.23
C ILE A 527 7.00 22.56 6.78
N PHE A 528 5.95 22.68 5.97
CA PHE A 528 4.72 23.32 6.43
C PHE A 528 4.14 22.55 7.61
N THR A 529 4.21 21.22 7.57
CA THR A 529 3.74 20.42 8.70
C THR A 529 4.45 20.78 10.01
N HIS A 530 5.79 20.93 9.95
CA HIS A 530 6.58 21.36 11.10
C HIS A 530 6.17 22.75 11.60
N MET A 531 5.99 23.68 10.65
CA MET A 531 5.58 25.03 11.04
C MET A 531 4.22 25.02 11.73
N ILE A 532 3.24 24.31 11.16
CA ILE A 532 1.90 24.30 11.76
C ILE A 532 1.95 23.59 13.13
N ALA A 533 2.73 22.52 13.24
CA ALA A 533 2.85 21.80 14.49
C ALA A 533 3.39 22.71 15.60
N GLN A 534 4.49 23.40 15.31
CA GLN A 534 5.16 24.24 16.28
C GLN A 534 4.23 25.34 16.79
N VAL A 535 3.49 26.00 15.89
CA VAL A 535 2.68 27.14 16.29
C VAL A 535 1.42 26.70 17.02
N CYS A 536 1.09 25.40 16.97
CA CYS A 536 -0.03 24.85 17.73
C CYS A 536 0.44 24.05 18.96
N ASN A 537 1.75 24.11 19.24
CA ASN A 537 2.40 23.41 20.33
C ASN A 537 2.22 21.91 20.19
N LEU A 538 2.48 21.38 18.97
CA LEU A 538 2.38 19.93 18.78
C LEU A 538 3.73 19.45 18.29
N GLN A 539 3.92 18.13 18.25
CA GLN A 539 5.08 17.60 17.55
C GLN A 539 4.63 17.04 16.20
N PRO A 540 5.42 17.26 15.11
CA PRO A 540 5.17 16.62 13.83
C PRO A 540 5.19 15.09 13.88
N ALA A 541 4.21 14.43 13.23
CA ALA A 541 4.24 12.98 13.07
C ALA A 541 4.43 12.61 11.58
N GLN A 542 3.35 12.33 10.84
CA GLN A 542 3.52 11.92 9.44
C GLN A 542 3.02 12.96 8.44
N PHE A 543 3.81 13.14 7.39
CA PHE A 543 3.38 13.75 6.15
C PHE A 543 3.07 12.60 5.21
N ILE A 544 1.81 12.58 4.76
CA ILE A 544 1.23 11.62 3.82
C ILE A 544 0.92 12.34 2.51
N HIS A 545 1.54 11.88 1.41
CA HIS A 545 1.47 12.46 0.10
C HIS A 545 0.62 11.56 -0.81
N VAL A 546 -0.53 12.08 -1.25
CA VAL A 546 -1.40 11.29 -2.10
C VAL A 546 -1.25 11.85 -3.52
N LEU A 547 -0.86 10.98 -4.45
CA LEU A 547 -0.64 11.36 -5.84
C LEU A 547 -1.82 10.90 -6.70
N GLY A 548 -2.39 11.83 -7.48
CA GLY A 548 -3.44 11.52 -8.45
C GLY A 548 -2.85 11.12 -9.79
N ASN A 549 -2.79 12.08 -10.72
CA ASN A 549 -2.12 11.85 -11.99
C ASN A 549 -0.62 11.93 -11.77
N ALA A 550 0.05 10.77 -11.82
CA ALA A 550 1.44 10.65 -11.50
C ALA A 550 2.26 10.36 -12.77
N HIS A 551 3.19 11.24 -13.15
CA HIS A 551 3.78 11.05 -14.47
C HIS A 551 5.26 11.29 -14.49
N VAL A 552 5.96 10.53 -15.34
CA VAL A 552 7.33 10.79 -15.74
C VAL A 552 7.41 11.33 -17.17
N TYR A 553 8.02 12.50 -17.32
CA TYR A 553 8.21 13.07 -18.65
C TYR A 553 9.21 12.20 -19.39
N ASN A 554 8.93 11.92 -20.68
CA ASN A 554 9.85 11.13 -21.50
C ASN A 554 11.26 11.71 -21.52
N ASN A 555 11.38 13.03 -21.42
CA ASN A 555 12.68 13.67 -21.45
C ASN A 555 13.40 13.43 -20.12
N HIS A 556 12.76 12.83 -19.10
CA HIS A 556 13.46 12.65 -17.84
C HIS A 556 13.98 11.23 -17.66
N ILE A 557 13.63 10.33 -18.59
CA ILE A 557 13.76 8.90 -18.34
C ILE A 557 15.22 8.51 -18.14
N ASP A 558 16.16 9.12 -18.83
CA ASP A 558 17.53 8.65 -18.74
C ASP A 558 18.15 9.11 -17.42
N SER A 559 17.77 10.31 -16.98
CA SER A 559 18.27 10.85 -15.75
C SER A 559 17.73 10.03 -14.57
N LEU A 560 16.47 9.60 -14.67
CA LEU A 560 15.84 8.84 -13.61
C LEU A 560 16.43 7.44 -13.51
N LYS A 561 16.86 6.91 -14.64
CA LYS A 561 17.54 5.63 -14.70
C LYS A 561 18.85 5.73 -13.94
N ILE A 562 19.62 6.77 -14.20
CA ILE A 562 20.82 7.00 -13.41
C ILE A 562 20.47 7.05 -11.92
N GLN A 563 19.43 7.81 -11.56
CA GLN A 563 19.18 8.16 -10.16
C GLN A 563 18.75 6.92 -9.39
N LEU A 564 17.99 6.04 -10.07
CA LEU A 564 17.46 4.83 -9.44
C LEU A 564 18.56 3.83 -9.09
N ASN A 565 19.75 3.98 -9.70
CA ASN A 565 20.86 3.08 -9.43
C ASN A 565 21.76 3.72 -8.37
N ARG A 566 21.26 4.75 -7.68
CA ARG A 566 21.97 5.28 -6.54
C ARG A 566 21.29 4.79 -5.26
N ILE A 567 22.13 4.55 -4.23
CA ILE A 567 21.64 4.10 -2.95
C ILE A 567 21.43 5.32 -2.08
N PRO A 568 20.26 5.50 -1.46
CA PRO A 568 20.07 6.62 -0.56
C PRO A 568 21.03 6.60 0.63
N TYR A 569 21.33 7.81 1.11
CA TYR A 569 22.01 8.10 2.35
C TYR A 569 21.00 8.37 3.46
N PRO A 570 21.38 8.28 4.73
CA PRO A 570 20.47 8.66 5.81
C PRO A 570 20.05 10.09 5.55
N PHE A 571 18.77 10.37 5.83
CA PHE A 571 18.18 11.67 5.60
C PHE A 571 18.75 12.72 6.54
N PRO A 572 18.62 14.03 6.19
CA PRO A 572 18.88 15.12 7.12
C PRO A 572 17.79 15.33 8.16
N THR A 573 17.99 16.38 8.96
CA THR A 573 16.99 16.83 9.91
C THR A 573 16.67 18.29 9.59
N LEU A 574 15.48 18.72 10.03
CA LEU A 574 15.06 20.09 9.83
C LEU A 574 14.98 20.69 11.21
N LYS A 575 15.57 21.85 11.47
CA LYS A 575 15.27 22.52 12.74
C LYS A 575 14.68 23.91 12.50
N LEU A 576 13.73 24.29 13.37
CA LEU A 576 13.05 25.59 13.34
C LEU A 576 13.42 26.35 14.61
N ASN A 577 13.53 27.67 14.47
CA ASN A 577 13.63 28.57 15.57
C ASN A 577 12.46 28.35 16.53
N PRO A 578 12.68 27.84 17.76
CA PRO A 578 11.56 27.60 18.67
C PRO A 578 10.81 28.81 19.20
N ASP A 579 11.39 30.01 19.03
CA ASP A 579 10.75 31.23 19.54
C ASP A 579 9.59 31.67 18.64
N ILE A 580 9.46 31.10 17.44
CA ILE A 580 8.39 31.52 16.54
C ILE A 580 7.09 30.81 16.91
N LYS A 581 6.08 31.57 17.36
CA LYS A 581 4.86 30.98 17.88
C LYS A 581 3.61 31.37 17.08
N ASN A 582 3.76 32.16 16.00
CA ASN A 582 2.64 32.50 15.11
C ASN A 582 3.07 32.15 13.68
N ILE A 583 2.16 31.58 12.87
CA ILE A 583 2.45 31.11 11.52
C ILE A 583 3.00 32.22 10.62
N GLU A 584 2.66 33.48 10.93
CA GLU A 584 3.00 34.64 10.09
C GLU A 584 4.38 35.18 10.38
N ASP A 585 5.05 34.65 11.42
CA ASP A 585 6.23 35.27 11.98
C ASP A 585 7.51 34.57 11.56
N PHE A 586 7.49 33.59 10.63
CA PHE A 586 8.71 32.92 10.21
C PHE A 586 9.40 33.72 9.12
N THR A 587 10.73 33.72 9.16
CA THR A 587 11.55 34.23 8.09
C THR A 587 12.58 33.18 7.76
N ILE A 588 13.26 33.39 6.64
CA ILE A 588 14.12 32.40 6.05
C ILE A 588 15.16 31.89 7.05
N SER A 589 15.70 32.74 7.93
CA SER A 589 16.78 32.28 8.80
C SER A 589 16.28 31.45 9.97
N ASP A 590 14.95 31.31 10.08
CA ASP A 590 14.37 30.47 11.11
C ASP A 590 14.43 28.97 10.82
N PHE A 591 14.96 28.56 9.67
CA PHE A 591 14.99 27.17 9.24
C PHE A 591 16.43 26.70 9.07
N THR A 592 16.75 25.53 9.65
CA THR A 592 18.03 24.90 9.35
C THR A 592 17.86 23.44 8.97
N ILE A 593 18.49 23.08 7.85
CA ILE A 593 18.60 21.72 7.39
C ILE A 593 20.01 21.25 7.76
N GLN A 594 20.10 20.21 8.60
CA GLN A 594 21.37 19.76 9.12
C GLN A 594 21.67 18.35 8.60
N ASN A 595 22.96 18.12 8.30
CA ASN A 595 23.48 16.80 7.99
C ASN A 595 22.91 16.26 6.67
N TYR A 596 22.67 17.15 5.70
CA TYR A 596 22.26 16.70 4.37
C TYR A 596 23.44 16.05 3.66
N VAL A 597 23.37 14.73 3.48
CA VAL A 597 24.29 13.98 2.68
C VAL A 597 23.57 13.53 1.40
N HIS A 598 24.17 13.78 0.25
CA HIS A 598 23.51 13.54 -1.03
C HIS A 598 24.49 13.20 -2.14
N HIS A 599 23.98 12.50 -3.13
CA HIS A 599 24.61 12.30 -4.41
C HIS A 599 24.65 13.60 -5.22
N GLU A 600 25.32 13.52 -6.38
CA GLU A 600 25.57 14.70 -7.18
C GLU A 600 24.27 15.16 -7.84
N LYS A 601 24.21 16.46 -8.10
CA LYS A 601 23.16 17.13 -8.87
C LYS A 601 22.92 16.40 -10.20
N ILE A 602 21.66 16.38 -10.65
CA ILE A 602 21.28 15.77 -11.90
C ILE A 602 20.37 16.78 -12.61
N SER A 603 20.79 17.18 -13.82
CA SER A 603 19.89 17.77 -14.80
C SER A 603 18.95 16.70 -15.32
N MET A 604 17.65 16.83 -15.02
CA MET A 604 16.67 15.85 -15.45
C MET A 604 16.56 15.87 -16.97
N ASP A 605 16.89 17.04 -17.54
CA ASP A 605 16.84 17.33 -18.97
C ASP A 605 18.28 17.34 -19.49
N MET A 606 18.51 16.64 -20.63
CA MET A 606 19.80 16.57 -21.28
C MET A 606 20.91 17.04 -20.32
N GLU B 3 -2.48 -41.76 10.21
CA GLU B 3 -2.02 -41.44 8.84
C GLU B 3 -3.13 -41.78 7.83
N GLN B 4 -3.70 -40.77 7.18
CA GLN B 4 -4.85 -40.99 6.31
C GLN B 4 -4.41 -41.03 4.84
N VAL B 5 -5.15 -41.84 4.09
CA VAL B 5 -4.91 -42.16 2.69
C VAL B 5 -4.80 -40.90 1.84
N CYS B 6 -5.77 -39.98 1.97
CA CYS B 6 -5.85 -38.77 1.15
C CYS B 6 -4.63 -37.87 1.35
N ASP B 7 -4.04 -37.89 2.56
CA ASP B 7 -2.79 -37.20 2.81
C ASP B 7 -1.61 -37.94 2.19
N VAL B 8 -1.59 -39.28 2.31
CA VAL B 8 -0.52 -40.10 1.74
C VAL B 8 -0.47 -39.86 0.23
N PHE B 9 -1.63 -40.05 -0.44
CA PHE B 9 -1.72 -40.05 -1.89
C PHE B 9 -2.11 -38.67 -2.48
N ASP B 10 -2.25 -37.66 -1.62
CA ASP B 10 -2.49 -36.29 -2.11
C ASP B 10 -3.69 -36.28 -3.06
N ILE B 11 -4.83 -36.71 -2.52
CA ILE B 11 -6.08 -36.77 -3.26
C ILE B 11 -6.89 -35.51 -2.95
N TYR B 12 -7.31 -34.85 -4.03
CA TYR B 12 -7.95 -33.54 -3.99
C TYR B 12 -9.14 -33.60 -4.93
N ALA B 13 -10.14 -32.77 -4.64
CA ALA B 13 -11.28 -32.57 -5.52
C ALA B 13 -11.16 -31.20 -6.18
N ILE B 14 -11.58 -31.12 -7.45
CA ILE B 14 -11.65 -29.83 -8.10
C ILE B 14 -12.96 -29.80 -8.86
N CYS B 15 -13.63 -28.64 -8.83
CA CYS B 15 -14.99 -28.55 -9.36
C CYS B 15 -15.36 -27.09 -9.60
N ALA B 16 -16.44 -26.91 -10.35
CA ALA B 16 -16.99 -25.61 -10.68
C ALA B 16 -18.49 -25.66 -10.48
N CYS B 17 -19.02 -24.78 -9.62
CA CYS B 17 -20.44 -24.82 -9.30
C CYS B 17 -21.13 -23.47 -9.50
N CYS B 18 -22.24 -23.50 -10.24
CA CYS B 18 -23.08 -22.34 -10.47
C CYS B 18 -24.22 -22.34 -9.45
N LYS B 19 -25.08 -21.33 -9.56
CA LYS B 19 -26.32 -21.27 -8.80
C LYS B 19 -27.42 -21.93 -9.61
N VAL B 20 -28.55 -22.29 -8.94
CA VAL B 20 -29.61 -23.11 -9.56
C VAL B 20 -30.97 -22.43 -9.37
N GLU B 21 -31.93 -22.71 -10.27
CA GLU B 21 -33.14 -21.90 -10.34
C GLU B 21 -34.00 -22.03 -9.07
N ASN B 29 -37.21 -13.29 0.65
CA ASN B 29 -35.84 -12.90 1.10
C ASN B 29 -34.93 -14.12 1.01
N GLU B 30 -34.25 -14.28 -0.13
CA GLU B 30 -33.43 -15.46 -0.31
C GLU B 30 -32.28 -15.39 0.68
N VAL B 31 -32.00 -16.54 1.30
CA VAL B 31 -30.90 -16.74 2.23
C VAL B 31 -29.77 -17.36 1.41
N PHE B 32 -28.54 -16.91 1.66
CA PHE B 32 -27.39 -17.42 0.94
C PHE B 32 -26.47 -18.15 1.91
N ASN B 33 -25.71 -19.12 1.39
CA ASN B 33 -24.70 -19.90 2.09
C ASN B 33 -23.77 -20.52 1.04
N ASN B 34 -22.73 -21.26 1.46
CA ASN B 34 -21.85 -21.92 0.49
C ASN B 34 -22.63 -22.82 -0.47
N TYR B 35 -23.70 -23.46 0.04
CA TYR B 35 -24.52 -24.38 -0.75
C TYR B 35 -25.25 -23.66 -1.91
N THR B 36 -25.44 -22.34 -1.78
CA THR B 36 -25.95 -21.57 -2.91
C THR B 36 -25.22 -22.01 -4.19
N PHE B 37 -23.92 -22.33 -4.05
CA PHE B 37 -23.10 -22.69 -5.20
C PHE B 37 -23.01 -24.22 -5.27
N ARG B 38 -23.85 -24.86 -6.11
CA ARG B 38 -23.92 -26.31 -6.10
C ARG B 38 -23.97 -26.88 -7.52
N GLY B 39 -24.65 -26.22 -8.44
CA GLY B 39 -24.89 -26.76 -9.77
C GLY B 39 -23.62 -27.21 -10.51
N LEU B 40 -23.65 -28.45 -11.05
CA LEU B 40 -22.51 -29.09 -11.71
C LEU B 40 -22.78 -29.32 -13.21
N GLY B 41 -23.94 -29.90 -13.52
CA GLY B 41 -24.20 -30.38 -14.88
C GLY B 41 -25.68 -30.33 -15.25
N ASN B 42 -25.92 -30.44 -16.56
CA ASN B 42 -27.27 -30.55 -17.10
C ASN B 42 -27.27 -31.45 -18.34
N LYS B 43 -28.01 -32.56 -18.28
CA LYS B 43 -28.20 -33.45 -19.42
C LYS B 43 -26.86 -33.97 -19.95
N GLY B 44 -25.99 -34.47 -19.04
CA GLY B 44 -24.72 -35.06 -19.42
C GLY B 44 -23.64 -34.04 -19.78
N VAL B 45 -23.96 -32.74 -19.72
CA VAL B 45 -23.07 -31.67 -20.15
C VAL B 45 -23.00 -30.55 -19.10
N LEU B 46 -22.13 -29.56 -19.35
CA LEU B 46 -21.94 -28.47 -18.41
C LEU B 46 -23.14 -27.54 -18.47
N PRO B 47 -23.57 -26.93 -17.35
CA PRO B 47 -24.80 -26.11 -17.37
C PRO B 47 -24.65 -24.84 -18.21
N TRP B 48 -23.40 -24.45 -18.49
CA TRP B 48 -23.08 -23.16 -19.09
C TRP B 48 -22.33 -23.40 -20.40
N LYS B 49 -22.37 -22.42 -21.32
CA LYS B 49 -21.41 -22.31 -22.41
C LYS B 49 -20.05 -22.03 -21.80
N CYS B 50 -18.97 -22.11 -22.59
CA CYS B 50 -17.62 -22.16 -22.05
C CYS B 50 -17.39 -20.96 -21.13
N ILE B 51 -16.99 -21.22 -19.88
CA ILE B 51 -16.40 -20.19 -19.03
C ILE B 51 -14.89 -20.35 -19.05
N SER B 52 -14.27 -19.61 -19.97
CA SER B 52 -12.90 -19.91 -20.38
C SER B 52 -11.90 -19.61 -19.27
N LEU B 53 -12.27 -18.83 -18.24
CA LEU B 53 -11.29 -18.52 -17.22
C LEU B 53 -11.21 -19.70 -16.25
N ASP B 54 -12.34 -20.36 -16.04
CA ASP B 54 -12.35 -21.52 -15.16
C ASP B 54 -11.58 -22.65 -15.83
N MET B 55 -11.70 -22.75 -17.17
CA MET B 55 -11.00 -23.76 -17.96
C MET B 55 -9.49 -23.57 -17.85
N LYS B 56 -9.04 -22.32 -17.92
CA LYS B 56 -7.62 -22.05 -17.80
C LYS B 56 -7.13 -22.39 -16.39
N TYR B 57 -7.87 -22.00 -15.36
CA TYR B 57 -7.51 -22.36 -13.99
C TYR B 57 -7.45 -23.88 -13.83
N PHE B 58 -8.48 -24.57 -14.32
CA PHE B 58 -8.56 -26.02 -14.18
C PHE B 58 -7.33 -26.68 -14.83
N ARG B 59 -7.07 -26.36 -16.11
CA ARG B 59 -5.91 -26.87 -16.82
C ARG B 59 -4.65 -26.61 -15.99
N ALA B 60 -4.45 -25.39 -15.47
CA ALA B 60 -3.17 -25.08 -14.86
C ALA B 60 -3.02 -25.79 -13.51
N VAL B 61 -4.11 -25.91 -12.73
CA VAL B 61 -4.09 -26.63 -11.46
C VAL B 61 -3.83 -28.13 -11.72
N THR B 62 -4.52 -28.70 -12.70
CA THR B 62 -4.47 -30.15 -12.87
C THR B 62 -3.20 -30.57 -13.61
N THR B 63 -2.44 -29.64 -14.21
CA THR B 63 -1.23 -30.05 -14.92
C THR B 63 0.02 -29.67 -14.14
N TYR B 64 -0.11 -28.74 -13.18
CA TYR B 64 1.02 -28.21 -12.46
C TYR B 64 1.71 -29.30 -11.64
N VAL B 65 3.04 -29.36 -11.80
CA VAL B 65 3.87 -30.29 -11.07
C VAL B 65 5.15 -29.60 -10.60
N ASN B 66 5.61 -29.95 -9.40
CA ASN B 66 6.89 -29.48 -8.90
C ASN B 66 7.81 -30.66 -8.56
N GLU B 67 8.74 -30.94 -9.49
CA GLU B 67 9.62 -32.10 -9.45
C GLU B 67 10.45 -32.16 -8.17
N SER B 68 11.02 -31.03 -7.75
CA SER B 68 11.86 -30.99 -6.55
C SER B 68 11.09 -31.49 -5.31
N LYS B 69 9.76 -31.41 -5.33
CA LYS B 69 8.98 -31.76 -4.16
C LYS B 69 8.63 -33.25 -4.15
N TYR B 70 8.88 -33.94 -5.28
CA TYR B 70 8.38 -35.29 -5.47
C TYR B 70 9.16 -36.27 -4.59
N GLU B 71 10.48 -36.07 -4.45
CA GLU B 71 11.31 -37.00 -3.71
C GLU B 71 10.60 -37.33 -2.40
N LYS B 72 10.08 -36.27 -1.76
CA LYS B 72 9.51 -36.35 -0.42
C LYS B 72 8.16 -37.08 -0.40
N LEU B 73 7.38 -36.99 -1.50
CA LEU B 73 6.05 -37.60 -1.59
C LEU B 73 6.18 -39.12 -1.76
N LYS B 74 7.05 -39.55 -2.70
CA LYS B 74 7.41 -40.94 -2.93
C LYS B 74 7.84 -41.60 -1.60
N TYR B 75 8.75 -40.94 -0.86
CA TYR B 75 9.20 -41.40 0.44
C TYR B 75 7.99 -41.81 1.29
N LYS B 76 7.10 -40.83 1.52
CA LYS B 76 5.93 -41.02 2.37
C LYS B 76 5.10 -42.21 1.89
N ARG B 77 4.96 -42.34 0.56
CA ARG B 77 4.04 -43.31 -0.04
C ARG B 77 4.60 -44.73 0.19
N CYS B 78 5.90 -44.87 -0.11
CA CYS B 78 6.66 -46.09 0.18
C CYS B 78 6.58 -46.47 1.66
N LYS B 79 6.90 -45.57 2.59
CA LYS B 79 6.91 -45.95 3.99
C LYS B 79 5.51 -46.40 4.42
N TYR B 80 4.46 -45.76 3.88
CA TYR B 80 3.08 -46.18 4.13
C TYR B 80 2.80 -47.59 3.63
N LEU B 81 3.29 -47.93 2.41
CA LEU B 81 3.01 -49.23 1.81
C LEU B 81 4.07 -50.27 2.20
N ASN B 82 4.97 -49.92 3.15
CA ASN B 82 5.92 -50.86 3.70
C ASN B 82 6.82 -51.36 2.57
N LYS B 83 7.20 -50.44 1.66
CA LYS B 83 8.05 -50.73 0.51
C LYS B 83 9.27 -49.80 0.55
N GLU B 84 10.27 -50.08 -0.31
CA GLU B 84 11.47 -49.26 -0.42
C GLU B 84 11.55 -48.50 -1.75
N THR B 85 10.80 -48.96 -2.78
CA THR B 85 10.66 -48.25 -4.04
C THR B 85 9.19 -48.32 -4.50
N VAL B 86 8.81 -47.43 -5.44
CA VAL B 86 7.45 -47.35 -5.94
C VAL B 86 7.15 -48.60 -6.77
N ASP B 87 8.03 -48.90 -7.75
CA ASP B 87 7.91 -50.05 -8.64
C ASP B 87 6.45 -50.40 -8.91
N LYS B 97 9.06 -38.21 -16.57
CA LYS B 97 8.58 -36.80 -16.43
C LYS B 97 7.27 -36.84 -15.63
N LEU B 98 7.30 -36.20 -14.47
CA LEU B 98 6.24 -36.32 -13.49
C LEU B 98 4.96 -35.61 -13.96
N GLN B 99 3.82 -36.30 -13.80
CA GLN B 99 2.50 -35.80 -14.13
C GLN B 99 1.59 -36.03 -12.95
N ASN B 100 0.40 -35.43 -12.98
CA ASN B 100 -0.61 -35.70 -11.96
C ASN B 100 -1.55 -36.76 -12.52
N VAL B 101 -2.31 -37.37 -11.61
CA VAL B 101 -3.40 -38.26 -11.97
C VAL B 101 -4.71 -37.47 -11.94
N VAL B 102 -5.60 -37.79 -12.87
CA VAL B 102 -6.94 -37.23 -12.90
C VAL B 102 -7.98 -38.34 -12.99
N VAL B 103 -8.91 -38.37 -12.04
CA VAL B 103 -9.94 -39.40 -11.97
C VAL B 103 -11.27 -38.83 -12.47
N MET B 104 -11.81 -39.40 -13.56
CA MET B 104 -13.15 -39.05 -14.03
C MET B 104 -14.14 -40.23 -13.91
N GLY B 105 -15.37 -39.92 -13.49
CA GLY B 105 -16.52 -40.79 -13.70
C GLY B 105 -16.79 -41.00 -15.19
N ARG B 106 -17.53 -42.07 -15.50
CA ARG B 106 -17.66 -42.49 -16.88
C ARG B 106 -18.45 -41.42 -17.64
N THR B 107 -19.59 -41.02 -17.07
CA THR B 107 -20.42 -40.03 -17.72
C THR B 107 -19.58 -38.75 -17.89
N ASN B 108 -18.78 -38.38 -16.88
CA ASN B 108 -17.89 -37.23 -16.96
C ASN B 108 -16.99 -37.38 -18.17
N TRP B 109 -16.31 -38.52 -18.29
CA TRP B 109 -15.36 -38.78 -19.36
C TRP B 109 -16.03 -38.72 -20.75
N GLU B 110 -17.31 -39.09 -20.82
CA GLU B 110 -18.02 -39.14 -22.10
C GLU B 110 -18.45 -37.75 -22.56
N SER B 111 -18.58 -36.80 -21.62
CA SER B 111 -19.04 -35.46 -21.96
C SER B 111 -17.90 -34.60 -22.52
N ILE B 112 -16.66 -35.06 -22.34
CA ILE B 112 -15.51 -34.32 -22.83
C ILE B 112 -15.43 -34.48 -24.34
N PRO B 113 -15.41 -33.39 -25.13
CA PRO B 113 -15.12 -33.50 -26.56
C PRO B 113 -13.89 -34.37 -26.81
N LYS B 114 -14.00 -35.28 -27.81
CA LYS B 114 -12.98 -36.28 -28.08
C LYS B 114 -11.65 -35.62 -28.45
N LYS B 115 -11.73 -34.40 -28.97
CA LYS B 115 -10.55 -33.66 -29.41
C LYS B 115 -9.71 -33.28 -28.19
N PHE B 116 -10.29 -33.36 -26.99
CA PHE B 116 -9.58 -32.98 -25.76
C PHE B 116 -9.26 -34.22 -24.92
N LYS B 117 -9.59 -35.41 -25.42
CA LYS B 117 -9.32 -36.65 -24.71
C LYS B 117 -8.20 -37.41 -25.40
N PRO B 118 -7.26 -38.03 -24.64
CA PRO B 118 -7.28 -38.01 -23.18
C PRO B 118 -6.72 -36.64 -22.75
N LEU B 119 -7.07 -36.21 -21.54
CA LEU B 119 -6.61 -34.93 -21.01
C LEU B 119 -5.09 -34.92 -21.02
N SER B 120 -4.51 -33.94 -21.71
CA SER B 120 -3.09 -33.88 -21.98
C SER B 120 -2.26 -33.73 -20.70
N ASN B 121 -1.07 -34.35 -20.70
CA ASN B 121 -0.05 -34.22 -19.68
C ASN B 121 -0.54 -34.70 -18.33
N ARG B 122 -1.66 -35.45 -18.33
CA ARG B 122 -2.18 -36.05 -17.12
C ARG B 122 -2.45 -37.54 -17.35
N ILE B 123 -2.15 -38.33 -16.33
CA ILE B 123 -2.55 -39.72 -16.27
C ILE B 123 -4.06 -39.80 -16.09
N ASN B 124 -4.76 -40.24 -17.14
CA ASN B 124 -6.22 -40.30 -17.12
C ASN B 124 -6.67 -41.63 -16.52
N VAL B 125 -7.48 -41.57 -15.46
CA VAL B 125 -8.08 -42.74 -14.84
C VAL B 125 -9.60 -42.59 -14.92
N ILE B 126 -10.30 -43.66 -15.35
CA ILE B 126 -11.76 -43.63 -15.44
C ILE B 126 -12.40 -44.69 -14.54
N LEU B 127 -13.27 -44.24 -13.63
CA LEU B 127 -14.17 -45.08 -12.87
C LEU B 127 -15.36 -45.48 -13.74
N SER B 128 -15.63 -46.80 -13.77
CA SER B 128 -16.65 -47.42 -14.60
C SER B 128 -16.81 -48.88 -14.16
N ARG B 129 -18.03 -49.40 -14.26
CA ARG B 129 -18.25 -50.82 -14.10
C ARG B 129 -18.35 -51.51 -15.46
N THR B 130 -18.54 -50.74 -16.54
CA THR B 130 -18.91 -51.33 -17.82
C THR B 130 -17.92 -50.94 -18.93
N LEU B 131 -16.75 -50.41 -18.57
CA LEU B 131 -15.73 -50.09 -19.56
C LEU B 131 -14.60 -51.12 -19.48
N LYS B 132 -13.95 -51.39 -20.63
CA LYS B 132 -12.88 -52.36 -20.71
C LYS B 132 -11.71 -51.78 -21.52
N LYS B 133 -10.48 -52.16 -21.15
CA LYS B 133 -9.29 -51.69 -21.86
C LYS B 133 -9.29 -52.25 -23.29
N VAL B 140 -3.83 -44.89 -20.22
CA VAL B 140 -5.25 -44.61 -19.84
C VAL B 140 -5.77 -45.81 -19.05
N TYR B 141 -5.86 -45.65 -17.74
CA TYR B 141 -6.27 -46.71 -16.84
C TYR B 141 -7.78 -46.68 -16.75
N ILE B 142 -8.37 -47.87 -16.62
CA ILE B 142 -9.73 -48.06 -16.14
C ILE B 142 -9.66 -48.78 -14.80
N ILE B 143 -10.64 -48.49 -13.93
CA ILE B 143 -10.73 -49.07 -12.60
C ILE B 143 -12.23 -49.19 -12.33
N ASN B 144 -12.64 -50.10 -11.43
CA ASN B 144 -14.07 -50.36 -11.25
C ASN B 144 -14.47 -50.33 -9.77
N LYS B 145 -13.53 -49.95 -8.92
CA LYS B 145 -13.81 -49.66 -7.53
C LYS B 145 -12.83 -48.57 -7.09
N VAL B 146 -13.18 -47.90 -6.00
CA VAL B 146 -12.37 -46.81 -5.49
C VAL B 146 -11.07 -47.39 -4.95
N GLU B 147 -11.16 -48.51 -4.23
CA GLU B 147 -10.01 -49.09 -3.58
C GLU B 147 -8.95 -49.40 -4.62
N ASP B 148 -9.40 -49.66 -5.87
CA ASP B 148 -8.53 -49.94 -7.02
C ASP B 148 -7.73 -48.70 -7.45
N LEU B 149 -8.24 -47.49 -7.15
CA LEU B 149 -7.47 -46.27 -7.37
C LEU B 149 -6.25 -46.25 -6.43
N ILE B 150 -6.51 -46.50 -5.14
CA ILE B 150 -5.49 -46.49 -4.10
C ILE B 150 -4.35 -47.44 -4.49
N VAL B 151 -4.74 -48.59 -5.04
CA VAL B 151 -3.81 -49.62 -5.51
C VAL B 151 -3.02 -49.03 -6.67
N LEU B 152 -3.73 -48.48 -7.67
CA LEU B 152 -3.08 -47.92 -8.84
C LEU B 152 -2.11 -46.81 -8.42
N LEU B 153 -2.49 -46.02 -7.40
CA LEU B 153 -1.69 -44.89 -6.97
C LEU B 153 -0.39 -45.38 -6.32
N GLY B 154 -0.51 -46.48 -5.56
CA GLY B 154 0.62 -47.14 -4.91
C GLY B 154 1.68 -47.67 -5.89
N LYS B 155 1.29 -47.87 -7.16
CA LYS B 155 2.18 -48.40 -8.19
C LYS B 155 2.58 -47.34 -9.22
N LEU B 156 2.16 -46.08 -9.06
CA LEU B 156 2.56 -45.06 -10.02
C LEU B 156 3.49 -44.05 -9.35
N ASN B 157 4.34 -43.47 -10.19
CA ASN B 157 4.90 -42.14 -9.99
C ASN B 157 3.96 -41.07 -10.53
N TYR B 158 3.48 -40.20 -9.63
CA TYR B 158 2.61 -39.07 -9.93
C TYR B 158 2.82 -38.01 -8.86
N TYR B 159 2.50 -36.74 -9.19
CA TYR B 159 2.70 -35.63 -8.27
C TYR B 159 1.51 -35.52 -7.31
N LYS B 160 0.31 -35.19 -7.83
CA LYS B 160 -0.91 -35.22 -7.05
C LYS B 160 -2.05 -35.88 -7.85
N CYS B 161 -3.13 -36.18 -7.11
CA CYS B 161 -4.29 -36.85 -7.64
C CYS B 161 -5.53 -35.97 -7.53
N PHE B 162 -6.17 -35.69 -8.67
CA PHE B 162 -7.30 -34.78 -8.73
C PHE B 162 -8.55 -35.53 -9.17
N ILE B 163 -9.57 -35.50 -8.33
CA ILE B 163 -10.90 -35.99 -8.67
C ILE B 163 -11.66 -34.90 -9.43
N LEU B 164 -12.03 -35.18 -10.67
CA LEU B 164 -12.62 -34.22 -11.59
C LEU B 164 -14.14 -34.38 -11.64
N GLY B 165 -14.73 -35.27 -10.83
CA GLY B 165 -16.16 -35.51 -10.89
C GLY B 165 -16.51 -36.66 -11.84
N GLY B 166 -17.79 -36.82 -12.22
CA GLY B 166 -18.87 -35.90 -11.89
C GLY B 166 -19.46 -36.13 -10.51
N SER B 167 -20.78 -35.95 -10.45
CA SER B 167 -21.56 -35.90 -9.22
C SER B 167 -21.34 -37.16 -8.38
N VAL B 168 -21.48 -38.32 -9.02
CA VAL B 168 -21.40 -39.60 -8.33
C VAL B 168 -20.03 -39.75 -7.69
N VAL B 169 -18.99 -39.41 -8.46
CA VAL B 169 -17.60 -39.55 -8.02
C VAL B 169 -17.34 -38.69 -6.78
N TYR B 170 -17.67 -37.38 -6.84
CA TYR B 170 -17.47 -36.52 -5.68
C TYR B 170 -18.18 -37.10 -4.45
N GLN B 171 -19.45 -37.52 -4.65
CA GLN B 171 -20.29 -38.01 -3.56
C GLN B 171 -19.58 -39.12 -2.77
N GLU B 172 -19.10 -40.14 -3.49
CA GLU B 172 -18.49 -41.31 -2.87
C GLU B 172 -17.10 -40.97 -2.32
N PHE B 173 -16.30 -40.22 -3.09
CA PHE B 173 -14.98 -39.82 -2.62
C PHE B 173 -15.10 -38.97 -1.37
N LEU B 174 -16.18 -38.18 -1.26
CA LEU B 174 -16.34 -37.30 -0.12
C LEU B 174 -16.85 -38.09 1.10
N GLU B 175 -17.80 -39.01 0.92
CA GLU B 175 -18.32 -39.72 2.08
C GLU B 175 -17.26 -40.68 2.61
N LYS B 176 -16.47 -41.27 1.71
CA LYS B 176 -15.36 -42.13 2.09
C LYS B 176 -14.16 -41.34 2.61
N LYS B 177 -14.29 -40.02 2.79
CA LYS B 177 -13.28 -39.24 3.48
C LYS B 177 -11.91 -39.30 2.78
N LEU B 178 -11.92 -39.34 1.45
CA LEU B 178 -10.72 -39.49 0.62
C LEU B 178 -10.17 -38.17 0.05
N ILE B 179 -10.64 -37.02 0.56
CA ILE B 179 -10.33 -35.76 -0.10
C ILE B 179 -9.58 -34.86 0.87
N LYS B 180 -8.40 -34.41 0.44
CA LYS B 180 -7.58 -33.53 1.25
C LYS B 180 -7.99 -32.06 1.11
N LYS B 181 -8.18 -31.57 -0.13
CA LYS B 181 -8.66 -30.22 -0.36
C LYS B 181 -9.65 -30.23 -1.51
N ILE B 182 -10.54 -29.22 -1.49
CA ILE B 182 -11.48 -28.96 -2.57
C ILE B 182 -11.12 -27.61 -3.20
N TYR B 183 -10.78 -27.65 -4.49
CA TYR B 183 -10.57 -26.47 -5.32
C TYR B 183 -11.90 -26.21 -6.03
N PHE B 184 -12.59 -25.15 -5.54
CA PHE B 184 -14.01 -24.93 -5.78
C PHE B 184 -14.18 -23.58 -6.46
N THR B 185 -14.55 -23.59 -7.76
CA THR B 185 -14.82 -22.39 -8.52
C THR B 185 -16.27 -22.03 -8.22
N ARG B 186 -16.51 -20.80 -7.74
CA ARG B 186 -17.85 -20.24 -7.61
C ARG B 186 -18.23 -19.41 -8.85
N ILE B 187 -19.17 -19.96 -9.64
CA ILE B 187 -19.72 -19.35 -10.84
C ILE B 187 -20.94 -18.55 -10.41
N ASN B 188 -20.83 -17.23 -10.39
CA ASN B 188 -21.92 -16.41 -9.85
C ASN B 188 -22.95 -16.07 -10.93
N SER B 189 -23.62 -17.12 -11.41
CA SER B 189 -24.76 -17.01 -12.32
C SER B 189 -25.62 -18.25 -12.17
N THR B 190 -26.88 -18.16 -12.64
CA THR B 190 -27.85 -19.23 -12.43
C THR B 190 -28.03 -19.99 -13.74
N TYR B 191 -28.03 -21.33 -13.65
CA TYR B 191 -28.31 -22.14 -14.83
C TYR B 191 -29.28 -23.25 -14.45
N GLU B 192 -29.93 -23.78 -15.50
CA GLU B 192 -30.66 -25.02 -15.34
C GLU B 192 -29.64 -26.14 -15.16
N CYS B 193 -29.81 -26.94 -14.09
CA CYS B 193 -28.95 -28.05 -13.70
C CYS B 193 -29.79 -29.30 -13.35
N ASP B 194 -29.21 -30.50 -13.54
CA ASP B 194 -29.88 -31.73 -13.09
C ASP B 194 -29.00 -32.55 -12.14
N VAL B 195 -27.76 -32.09 -11.88
CA VAL B 195 -26.87 -32.76 -10.95
C VAL B 195 -26.12 -31.72 -10.13
N PHE B 196 -25.79 -32.08 -8.88
CA PHE B 196 -25.34 -31.13 -7.87
C PHE B 196 -24.13 -31.66 -7.12
N PHE B 197 -23.23 -30.76 -6.71
CA PHE B 197 -22.15 -31.12 -5.80
C PHE B 197 -22.78 -31.37 -4.44
N PRO B 198 -22.27 -32.33 -3.63
CA PRO B 198 -22.85 -32.57 -2.30
C PRO B 198 -22.59 -31.42 -1.33
N GLU B 199 -23.40 -31.33 -0.28
CA GLU B 199 -23.26 -30.27 0.69
C GLU B 199 -22.00 -30.54 1.51
N ILE B 200 -21.02 -29.63 1.42
CA ILE B 200 -19.79 -29.76 2.18
C ILE B 200 -20.11 -29.46 3.65
N ASN B 201 -19.73 -30.37 4.54
CA ASN B 201 -19.94 -30.17 5.96
C ASN B 201 -18.90 -29.21 6.49
N GLU B 202 -19.34 -28.15 7.17
CA GLU B 202 -18.45 -27.12 7.68
C GLU B 202 -17.69 -27.60 8.91
N ASN B 203 -18.08 -28.72 9.52
CA ASN B 203 -17.28 -29.35 10.57
C ASN B 203 -16.22 -30.25 9.96
N GLU B 204 -16.46 -30.76 8.75
CA GLU B 204 -15.47 -31.54 8.01
C GLU B 204 -14.46 -30.64 7.30
N TYR B 205 -14.93 -29.57 6.62
CA TYR B 205 -14.09 -28.74 5.76
C TYR B 205 -14.30 -27.27 6.08
N GLN B 206 -13.23 -26.49 6.00
CA GLN B 206 -13.28 -25.04 6.08
C GLN B 206 -12.45 -24.40 4.97
N ILE B 207 -12.87 -23.21 4.59
CA ILE B 207 -12.27 -22.43 3.52
C ILE B 207 -10.99 -21.81 4.08
N ILE B 208 -9.87 -21.94 3.38
CA ILE B 208 -8.63 -21.38 3.87
C ILE B 208 -8.12 -20.29 2.93
N SER B 209 -8.68 -20.18 1.71
CA SER B 209 -8.26 -19.17 0.74
C SER B 209 -9.37 -18.76 -0.20
N VAL B 210 -9.27 -17.52 -0.72
CA VAL B 210 -10.23 -16.91 -1.62
C VAL B 210 -9.46 -16.05 -2.61
N SER B 211 -9.76 -16.16 -3.90
CA SER B 211 -9.04 -15.45 -4.94
C SER B 211 -9.63 -14.04 -5.16
N ASP B 212 -8.96 -13.27 -6.00
CA ASP B 212 -9.55 -12.15 -6.71
C ASP B 212 -10.88 -12.57 -7.36
N VAL B 213 -11.73 -11.57 -7.58
CA VAL B 213 -12.96 -11.76 -8.34
C VAL B 213 -12.66 -11.33 -9.76
N TYR B 214 -13.24 -12.06 -10.71
CA TYR B 214 -13.01 -11.89 -12.13
C TYR B 214 -14.34 -11.94 -12.89
N THR B 215 -14.35 -11.44 -14.11
CA THR B 215 -15.47 -11.59 -15.02
C THR B 215 -14.99 -12.48 -16.19
N SER B 216 -15.75 -13.52 -16.55
CA SER B 216 -15.47 -14.29 -17.77
C SER B 216 -16.78 -14.68 -18.43
N ASN B 217 -16.89 -14.40 -19.73
CA ASN B 217 -18.05 -14.80 -20.50
C ASN B 217 -19.33 -14.37 -19.79
N ASN B 218 -19.37 -13.09 -19.38
CA ASN B 218 -20.59 -12.48 -18.90
C ASN B 218 -21.00 -12.99 -17.53
N THR B 219 -20.07 -13.52 -16.72
CA THR B 219 -20.38 -13.79 -15.33
C THR B 219 -19.16 -13.41 -14.49
N THR B 220 -19.41 -13.00 -13.24
CA THR B 220 -18.36 -13.03 -12.24
C THR B 220 -18.19 -14.47 -11.72
N LEU B 221 -17.00 -14.69 -11.15
CA LEU B 221 -16.59 -15.95 -10.57
C LEU B 221 -15.37 -15.69 -9.70
N ASP B 222 -15.16 -16.56 -8.72
CA ASP B 222 -13.94 -16.58 -7.91
C ASP B 222 -13.59 -18.04 -7.58
N PHE B 223 -12.40 -18.22 -6.99
CA PHE B 223 -11.79 -19.52 -6.77
C PHE B 223 -11.46 -19.61 -5.29
N ILE B 224 -12.00 -20.63 -4.63
CA ILE B 224 -11.80 -20.78 -3.20
C ILE B 224 -11.28 -22.20 -2.96
N ILE B 225 -10.73 -22.38 -1.76
CA ILE B 225 -10.03 -23.63 -1.43
C ILE B 225 -10.55 -24.12 -0.09
N TYR B 226 -11.15 -25.32 -0.04
CA TYR B 226 -11.47 -25.89 1.25
C TYR B 226 -10.34 -26.82 1.70
N LYS B 227 -10.10 -26.85 3.01
CA LYS B 227 -9.17 -27.81 3.60
C LYS B 227 -9.91 -28.71 4.61
N LYS B 228 -9.59 -30.02 4.60
CA LYS B 228 -9.99 -30.94 5.66
C LYS B 228 -9.54 -30.38 7.03
N THR B 229 -10.41 -30.42 8.03
CA THR B 229 -10.14 -29.72 9.28
C THR B 229 -9.32 -30.59 10.22
N GLU B 285 20.53 -16.83 5.01
CA GLU B 285 21.33 -15.58 5.09
C GLU B 285 20.39 -14.39 5.08
N GLU B 286 19.56 -14.34 4.05
CA GLU B 286 18.66 -13.21 3.86
C GLU B 286 17.54 -13.33 4.90
N GLU B 287 17.31 -14.55 5.42
CA GLU B 287 16.27 -14.75 6.42
C GLU B 287 16.68 -13.99 7.68
N ASP B 288 17.90 -14.24 8.20
CA ASP B 288 18.30 -13.59 9.44
C ASP B 288 18.27 -12.08 9.27
N ASP B 289 18.76 -11.56 8.13
CA ASP B 289 18.80 -10.13 7.88
C ASP B 289 17.42 -9.49 8.09
N PHE B 290 16.37 -10.19 7.65
CA PHE B 290 15.01 -9.71 7.84
C PHE B 290 14.68 -9.51 9.32
N VAL B 291 15.10 -10.46 10.19
CA VAL B 291 14.91 -10.33 11.63
C VAL B 291 15.63 -9.09 12.17
N TYR B 292 16.85 -8.86 11.71
CA TYR B 292 17.63 -7.74 12.24
C TYR B 292 16.93 -6.40 11.94
N PHE B 293 16.40 -6.28 10.71
CA PHE B 293 15.69 -5.07 10.29
C PHE B 293 14.41 -4.92 11.10
N ASN B 294 13.91 -5.99 11.74
CA ASN B 294 12.75 -5.86 12.58
C ASN B 294 13.09 -5.58 14.04
N PHE B 295 14.35 -5.30 14.39
CA PHE B 295 14.73 -5.26 15.79
C PHE B 295 13.99 -4.19 16.59
N ASN B 296 13.25 -3.28 15.96
CA ASN B 296 12.64 -2.20 16.73
C ASN B 296 11.10 -2.27 16.79
N LYS B 297 10.43 -3.30 16.26
CA LYS B 297 8.99 -3.23 16.04
C LYS B 297 8.14 -3.37 17.32
N SER B 306 -8.13 -3.91 23.80
CA SER B 306 -9.26 -4.69 24.37
C SER B 306 -9.95 -5.50 23.29
N ILE B 307 -9.24 -5.72 22.17
CA ILE B 307 -9.68 -6.63 21.14
C ILE B 307 -8.87 -7.91 21.32
N HIS B 308 -9.59 -9.05 21.42
CA HIS B 308 -8.95 -10.35 21.46
C HIS B 308 -8.99 -10.94 20.06
N PRO B 309 -7.88 -10.82 19.27
CA PRO B 309 -7.83 -11.38 17.91
C PRO B 309 -8.32 -12.82 17.75
N ASN B 310 -8.24 -13.60 18.84
CA ASN B 310 -8.85 -14.92 18.91
C ASN B 310 -10.34 -14.86 18.52
N ASP B 311 -11.00 -13.73 18.76
CA ASP B 311 -12.34 -13.48 18.25
C ASP B 311 -12.37 -13.46 16.71
N PHE B 312 -11.24 -13.16 16.05
CA PHE B 312 -11.17 -13.22 14.59
C PHE B 312 -10.56 -14.55 14.15
N GLN B 313 -11.17 -15.66 14.58
CA GLN B 313 -10.67 -16.98 14.30
C GLN B 313 -10.64 -17.22 12.80
N ILE B 314 -11.81 -17.08 12.17
CA ILE B 314 -11.95 -17.39 10.76
C ILE B 314 -11.09 -16.45 9.92
N TYR B 315 -11.07 -15.16 10.30
CA TYR B 315 -10.34 -14.13 9.60
C TYR B 315 -8.86 -14.50 9.58
N ASN B 316 -8.33 -14.89 10.75
CA ASN B 316 -6.89 -15.05 10.91
C ASN B 316 -6.45 -16.40 10.36
N SER B 317 -7.37 -17.34 10.20
CA SER B 317 -7.08 -18.68 9.75
C SER B 317 -7.06 -18.73 8.22
N LEU B 318 -7.50 -17.68 7.53
CA LEU B 318 -7.42 -17.71 6.08
C LEU B 318 -5.97 -17.49 5.71
N LYS B 319 -5.50 -18.17 4.66
CA LYS B 319 -4.11 -18.01 4.23
C LYS B 319 -4.02 -16.95 3.13
N TYR B 320 -4.77 -17.13 2.06
CA TYR B 320 -4.73 -16.22 0.94
C TYR B 320 -6.05 -15.46 0.93
N LYS B 321 -5.95 -14.12 0.99
CA LYS B 321 -7.11 -13.27 1.17
C LYS B 321 -7.14 -12.25 0.04
N TYR B 322 -7.41 -12.73 -1.16
CA TYR B 322 -7.21 -11.94 -2.36
C TYR B 322 -8.54 -11.33 -2.84
N HIS B 323 -9.66 -11.73 -2.28
CA HIS B 323 -10.94 -11.18 -2.67
C HIS B 323 -10.89 -9.67 -2.41
N PRO B 324 -11.29 -8.80 -3.36
CA PRO B 324 -11.15 -7.37 -3.15
C PRO B 324 -11.93 -6.82 -1.95
N GLU B 325 -12.95 -7.56 -1.47
CA GLU B 325 -13.66 -7.12 -0.27
C GLU B 325 -12.68 -7.02 0.91
N TYR B 326 -11.54 -7.75 0.82
CA TYR B 326 -10.57 -7.72 1.91
C TYR B 326 -9.88 -6.37 1.99
N GLN B 327 -9.95 -5.57 0.93
CA GLN B 327 -9.38 -4.24 1.13
C GLN B 327 -10.14 -3.41 2.18
N TYR B 328 -11.47 -3.52 2.18
CA TYR B 328 -12.32 -2.94 3.22
C TYR B 328 -12.07 -3.65 4.57
N LEU B 329 -12.19 -4.98 4.61
CA LEU B 329 -12.13 -5.74 5.86
C LEU B 329 -10.77 -5.54 6.54
N ASN B 330 -9.69 -5.43 5.76
CA ASN B 330 -8.37 -5.36 6.34
C ASN B 330 -8.16 -4.01 7.00
N ILE B 331 -8.75 -2.96 6.41
CA ILE B 331 -8.70 -1.64 7.03
C ILE B 331 -9.41 -1.65 8.39
N ILE B 332 -10.58 -2.27 8.47
CA ILE B 332 -11.27 -2.44 9.75
C ILE B 332 -10.39 -3.17 10.76
N TYR B 333 -9.82 -4.30 10.35
CA TYR B 333 -8.87 -5.04 11.16
C TYR B 333 -7.79 -4.10 11.68
N ASP B 334 -7.15 -3.35 10.76
CA ASP B 334 -6.07 -2.44 11.10
C ASP B 334 -6.47 -1.39 12.16
N ILE B 335 -7.59 -0.73 11.93
CA ILE B 335 -8.11 0.24 12.88
C ILE B 335 -8.44 -0.44 14.21
N MET B 336 -9.09 -1.59 14.18
CA MET B 336 -9.39 -2.22 15.46
C MET B 336 -8.11 -2.49 16.24
N MET B 337 -7.09 -3.02 15.56
CA MET B 337 -5.90 -3.51 16.25
C MET B 337 -4.97 -2.35 16.64
N ASN B 338 -4.84 -1.36 15.74
CA ASN B 338 -3.76 -0.37 15.85
C ASN B 338 -4.32 1.05 15.92
N GLY B 339 -5.66 1.19 15.92
CA GLY B 339 -6.36 2.46 15.96
C GLY B 339 -6.06 3.30 17.19
N ASN B 340 -6.18 4.64 17.05
CA ASN B 340 -6.06 5.57 18.14
C ASN B 340 -7.42 5.83 18.75
N LYS B 341 -7.55 5.68 20.08
CA LYS B 341 -8.78 6.03 20.78
C LYS B 341 -8.94 7.54 20.77
N GLN B 342 -10.07 8.04 20.28
CA GLN B 342 -10.34 9.47 20.30
C GLN B 342 -11.81 9.67 20.65
N SER B 343 -12.14 10.89 21.10
CA SER B 343 -13.50 11.23 21.49
C SER B 343 -14.26 11.83 20.32
N ASP B 344 -15.59 11.86 20.42
CA ASP B 344 -16.48 12.20 19.31
C ASP B 344 -17.48 13.25 19.79
N ARG B 345 -18.10 13.95 18.83
CA ARG B 345 -19.13 14.92 19.20
C ARG B 345 -20.31 14.22 19.88
N THR B 346 -20.58 12.96 19.52
CA THR B 346 -21.70 12.21 20.09
C THR B 346 -21.26 11.53 21.40
N GLY B 347 -20.02 11.80 21.85
CA GLY B 347 -19.46 11.13 23.02
C GLY B 347 -19.26 9.62 22.79
N VAL B 348 -19.57 9.15 21.56
CA VAL B 348 -19.51 7.74 21.24
C VAL B 348 -18.10 7.23 21.56
N GLY B 349 -17.08 7.95 21.08
CA GLY B 349 -15.73 7.40 20.96
C GLY B 349 -15.54 6.63 19.64
N VAL B 350 -14.32 6.70 19.12
CA VAL B 350 -13.93 6.09 17.86
C VAL B 350 -12.55 5.53 18.14
N LEU B 351 -12.19 4.55 17.34
CA LEU B 351 -10.80 4.27 17.03
C LEU B 351 -10.54 4.89 15.66
N SER B 352 -9.43 5.58 15.49
CA SER B 352 -9.17 6.22 14.22
C SER B 352 -7.74 6.02 13.74
N LYS B 353 -7.55 6.17 12.46
CA LYS B 353 -6.24 6.19 11.83
C LYS B 353 -6.34 7.15 10.64
N PHE B 354 -5.22 7.52 10.03
CA PHE B 354 -5.20 8.58 9.03
C PHE B 354 -4.50 8.09 7.77
N GLY B 355 -5.20 8.09 6.63
CA GLY B 355 -4.56 7.87 5.32
C GLY B 355 -4.60 6.40 4.86
N TYR B 356 -5.52 6.04 3.95
CA TYR B 356 -5.64 4.69 3.37
C TYR B 356 -6.07 4.85 1.91
N ILE B 357 -5.79 3.84 1.09
CA ILE B 357 -6.29 3.77 -0.27
C ILE B 357 -6.93 2.39 -0.47
N MET B 358 -8.08 2.34 -1.16
CA MET B 358 -8.64 1.11 -1.69
C MET B 358 -8.79 1.28 -3.21
N LYS B 359 -8.69 0.17 -3.95
CA LYS B 359 -8.87 0.21 -5.40
C LYS B 359 -9.71 -0.99 -5.85
N PHE B 360 -10.76 -0.74 -6.59
CA PHE B 360 -11.67 -1.73 -7.08
C PHE B 360 -11.69 -1.62 -8.59
N ASP B 361 -11.58 -2.78 -9.22
CA ASP B 361 -11.56 -2.91 -10.67
C ASP B 361 -12.98 -3.11 -11.16
N LEU B 362 -13.58 -2.01 -11.64
CA LEU B 362 -14.95 -2.02 -12.11
C LEU B 362 -15.12 -2.80 -13.44
N SER B 363 -14.05 -3.08 -14.18
CA SER B 363 -14.17 -3.93 -15.37
C SER B 363 -14.41 -5.40 -15.01
N GLN B 364 -14.16 -5.77 -13.76
CA GLN B 364 -14.25 -7.17 -13.39
C GLN B 364 -15.45 -7.45 -12.50
N TYR B 365 -15.93 -6.44 -11.77
CA TYR B 365 -17.02 -6.61 -10.80
C TYR B 365 -17.56 -5.25 -10.34
N PHE B 366 -18.71 -5.34 -9.64
CA PHE B 366 -19.30 -4.24 -8.88
C PHE B 366 -19.09 -4.48 -7.39
N PRO B 367 -18.32 -3.62 -6.68
CA PRO B 367 -17.91 -3.95 -5.30
C PRO B 367 -18.95 -3.59 -4.23
N LEU B 368 -20.11 -4.24 -4.32
CA LEU B 368 -21.13 -4.18 -3.31
C LEU B 368 -20.78 -5.19 -2.24
N LEU B 369 -20.48 -4.73 -1.03
CA LEU B 369 -20.05 -5.65 0.01
C LEU B 369 -21.00 -6.83 0.09
N THR B 370 -20.41 -8.02 0.31
CA THR B 370 -21.18 -9.26 0.47
C THR B 370 -21.15 -9.80 1.89
N THR B 371 -20.31 -9.25 2.76
CA THR B 371 -20.24 -9.77 4.12
C THR B 371 -21.38 -9.22 5.00
N LYS B 372 -22.25 -8.39 4.40
CA LYS B 372 -23.54 -8.04 4.97
C LYS B 372 -24.43 -7.56 3.83
N LYS B 373 -25.73 -7.35 4.11
CA LYS B 373 -26.67 -6.90 3.10
C LYS B 373 -26.59 -5.38 2.95
N LEU B 374 -26.53 -4.90 1.71
CA LEU B 374 -26.64 -3.47 1.45
C LEU B 374 -27.72 -3.28 0.40
N PHE B 375 -28.49 -2.20 0.59
CA PHE B 375 -29.58 -1.77 -0.27
C PHE B 375 -29.16 -0.52 -0.99
N LEU B 376 -29.59 -0.31 -2.26
CA LEU B 376 -29.03 0.76 -3.09
C LEU B 376 -30.05 1.79 -3.60
N ARG B 377 -31.37 1.63 -3.37
CA ARG B 377 -32.34 2.54 -3.99
C ARG B 377 -32.07 3.97 -3.51
N GLY B 378 -31.88 4.14 -2.21
CA GLY B 378 -31.67 5.45 -1.62
C GLY B 378 -30.40 6.11 -2.16
N ILE B 379 -29.30 5.34 -2.13
CA ILE B 379 -28.01 5.74 -2.67
C ILE B 379 -28.16 6.21 -4.12
N ILE B 380 -28.97 5.54 -4.94
CA ILE B 380 -29.08 5.96 -6.32
C ILE B 380 -29.92 7.24 -6.44
N GLU B 381 -31.04 7.32 -5.74
CA GLU B 381 -31.83 8.56 -5.72
C GLU B 381 -30.98 9.75 -5.22
N GLU B 382 -30.18 9.56 -4.16
CA GLU B 382 -29.28 10.62 -3.70
C GLU B 382 -28.39 11.13 -4.83
N LEU B 383 -27.77 10.21 -5.59
CA LEU B 383 -26.93 10.58 -6.71
C LEU B 383 -27.72 11.33 -7.77
N LEU B 384 -28.93 10.86 -8.05
CA LEU B 384 -29.77 11.52 -9.05
C LEU B 384 -30.12 12.94 -8.62
N TRP B 385 -30.35 13.11 -7.32
CA TRP B 385 -30.71 14.39 -6.70
C TRP B 385 -29.51 15.34 -6.76
N PHE B 386 -28.28 14.83 -6.55
CA PHE B 386 -27.06 15.62 -6.76
C PHE B 386 -26.91 16.14 -8.21
N ILE B 387 -27.11 15.24 -9.17
CA ILE B 387 -26.98 15.59 -10.57
C ILE B 387 -28.02 16.64 -10.96
N ARG B 388 -29.24 16.58 -10.41
CA ARG B 388 -30.21 17.64 -10.73
C ARG B 388 -29.81 18.96 -10.07
N GLY B 389 -28.90 18.90 -9.10
CA GLY B 389 -28.32 20.10 -8.51
C GLY B 389 -29.18 20.61 -7.35
N GLU B 390 -30.01 19.72 -6.85
CA GLU B 390 -30.99 19.99 -5.83
C GLU B 390 -30.34 20.12 -4.44
N THR B 391 -31.00 20.93 -3.59
CA THR B 391 -30.64 21.05 -2.19
C THR B 391 -31.86 20.94 -1.28
N ASN B 392 -32.99 20.51 -1.87
CA ASN B 392 -34.24 20.37 -1.14
C ASN B 392 -34.36 18.98 -0.55
N GLY B 393 -34.24 18.87 0.77
CA GLY B 393 -34.28 17.59 1.47
C GLY B 393 -35.66 16.91 1.41
N ASN B 394 -36.72 17.71 1.28
CA ASN B 394 -38.09 17.19 1.10
C ASN B 394 -38.22 16.26 -0.12
N THR B 395 -37.54 16.57 -1.21
CA THR B 395 -37.64 15.75 -2.40
C THR B 395 -37.29 14.30 -2.07
N LEU B 396 -36.20 14.14 -1.31
CA LEU B 396 -35.73 12.83 -0.89
C LEU B 396 -36.70 12.21 0.10
N LEU B 397 -37.11 13.00 1.13
CA LEU B 397 -38.00 12.51 2.20
C LEU B 397 -39.32 11.99 1.60
N ASN B 398 -39.79 12.61 0.52
CA ASN B 398 -41.05 12.20 -0.08
C ASN B 398 -40.91 10.91 -0.89
N LYS B 399 -39.69 10.46 -1.15
CA LYS B 399 -39.45 9.16 -1.74
C LYS B 399 -38.92 8.22 -0.69
N ASN B 400 -39.06 8.60 0.59
CA ASN B 400 -38.61 7.79 1.72
C ASN B 400 -37.11 7.48 1.66
N VAL B 401 -36.34 8.45 1.22
CA VAL B 401 -34.90 8.39 1.34
C VAL B 401 -34.48 9.39 2.39
N ARG B 402 -33.96 8.85 3.48
CA ARG B 402 -33.91 9.50 4.77
C ARG B 402 -32.47 9.73 5.21
N ILE B 403 -31.54 9.60 4.27
CA ILE B 403 -30.11 9.85 4.44
C ILE B 403 -29.85 11.21 5.04
N TRP B 404 -30.52 12.27 4.55
CA TRP B 404 -30.27 13.63 5.01
C TRP B 404 -31.25 14.13 6.07
N GLU B 405 -32.16 13.28 6.57
CA GLU B 405 -33.27 13.81 7.33
C GLU B 405 -32.78 14.50 8.63
N ALA B 406 -31.92 13.83 9.41
CA ALA B 406 -31.43 14.36 10.67
C ALA B 406 -30.64 15.65 10.41
N ASN B 407 -30.05 15.80 9.26
CA ASN B 407 -29.26 17.01 9.01
C ASN B 407 -30.14 18.19 8.62
N GLY B 408 -31.45 17.96 8.50
CA GLY B 408 -32.32 19.05 8.07
C GLY B 408 -33.31 19.52 9.12
N THR B 409 -33.28 18.94 10.34
CA THR B 409 -34.29 19.30 11.34
C THR B 409 -34.06 20.74 11.81
N ARG B 410 -35.10 21.34 12.40
CA ARG B 410 -35.01 22.64 13.03
C ARG B 410 -33.83 22.68 14.00
N GLU B 411 -33.77 21.69 14.93
CA GLU B 411 -32.75 21.57 15.96
C GLU B 411 -31.34 21.47 15.35
N PHE B 412 -31.16 20.63 14.33
CA PHE B 412 -29.83 20.45 13.73
C PHE B 412 -29.40 21.75 13.05
N LEU B 413 -30.30 22.42 12.33
CA LEU B 413 -29.94 23.68 11.69
C LEU B 413 -29.66 24.77 12.74
N ASP B 414 -30.49 24.89 13.78
CA ASP B 414 -30.27 25.88 14.83
C ASP B 414 -28.92 25.63 15.53
N ASN B 415 -28.55 24.37 15.81
CA ASN B 415 -27.24 24.11 16.38
C ASN B 415 -26.12 24.52 15.41
N ARG B 416 -26.35 24.52 14.08
CA ARG B 416 -25.37 24.99 13.13
C ARG B 416 -25.43 26.50 12.92
N LYS B 417 -26.25 27.19 13.71
CA LYS B 417 -26.50 28.62 13.68
C LYS B 417 -27.20 29.02 12.39
N LEU B 418 -27.99 28.10 11.79
CA LEU B 418 -28.70 28.46 10.57
C LEU B 418 -30.14 28.80 10.95
N PHE B 419 -30.28 29.84 11.78
CA PHE B 419 -31.55 30.19 12.35
C PHE B 419 -32.51 30.63 11.25
N HIS B 420 -31.99 31.16 10.14
CA HIS B 420 -32.82 31.67 9.08
C HIS B 420 -32.97 30.68 7.92
N ARG B 421 -32.82 29.37 8.21
CA ARG B 421 -32.90 28.38 7.17
C ARG B 421 -34.16 27.54 7.38
N GLU B 422 -34.98 27.32 6.32
CA GLU B 422 -36.17 26.49 6.45
C GLU B 422 -35.78 25.03 6.77
N VAL B 423 -36.66 24.30 7.44
CA VAL B 423 -36.36 22.90 7.69
C VAL B 423 -36.15 22.18 6.35
N ASN B 424 -35.15 21.27 6.28
CA ASN B 424 -34.87 20.45 5.11
C ASN B 424 -34.29 21.28 3.95
N ASP B 425 -34.02 22.55 4.17
CA ASP B 425 -33.19 23.28 3.23
C ASP B 425 -31.73 23.15 3.65
N LEU B 426 -30.98 22.29 2.94
CA LEU B 426 -29.65 21.86 3.38
C LEU B 426 -28.58 22.86 2.95
N GLY B 427 -29.00 23.87 2.20
CA GLY B 427 -28.11 24.92 1.80
C GLY B 427 -27.25 24.48 0.62
N PRO B 428 -26.12 25.16 0.39
CA PRO B 428 -25.29 24.91 -0.80
C PRO B 428 -24.34 23.73 -0.77
N ILE B 429 -24.94 22.53 -0.64
CA ILE B 429 -24.24 21.28 -0.53
C ILE B 429 -23.99 20.72 -1.95
N TYR B 430 -23.63 19.44 -2.06
CA TYR B 430 -23.08 18.85 -3.26
C TYR B 430 -23.76 19.29 -4.56
N GLY B 431 -25.07 19.05 -4.67
CA GLY B 431 -25.78 19.33 -5.91
C GLY B 431 -25.58 20.78 -6.33
N PHE B 432 -25.71 21.70 -5.35
CA PHE B 432 -25.50 23.11 -5.66
C PHE B 432 -24.07 23.37 -6.13
N GLN B 433 -23.08 22.76 -5.46
CA GLN B 433 -21.69 22.99 -5.87
C GLN B 433 -21.36 22.34 -7.22
N TRP B 434 -21.90 21.14 -7.48
CA TRP B 434 -21.64 20.46 -8.75
C TRP B 434 -22.16 21.25 -9.96
N ARG B 435 -23.27 21.98 -9.81
CA ARG B 435 -23.84 22.64 -10.99
C ARG B 435 -23.77 24.16 -10.94
N HIS B 436 -23.48 24.78 -9.76
CA HIS B 436 -23.62 26.22 -9.57
C HIS B 436 -22.49 26.81 -8.71
N PHE B 437 -21.30 26.21 -8.71
CA PHE B 437 -20.27 26.59 -7.77
C PHE B 437 -20.00 28.09 -7.92
N GLY B 438 -20.09 28.85 -6.82
CA GLY B 438 -19.74 30.26 -6.87
C GLY B 438 -20.98 31.15 -6.92
N ALA B 439 -22.14 30.58 -7.22
CA ALA B 439 -23.37 31.34 -7.15
C ALA B 439 -23.73 31.60 -5.69
N GLU B 440 -24.43 32.71 -5.48
CA GLU B 440 -24.97 33.08 -4.18
C GLU B 440 -26.21 32.24 -3.92
N TYR B 441 -26.21 31.46 -2.83
CA TYR B 441 -27.34 30.66 -2.42
C TYR B 441 -28.38 31.56 -1.75
N THR B 442 -29.64 31.36 -2.12
CA THR B 442 -30.77 32.08 -1.58
C THR B 442 -31.56 31.10 -0.74
N ASN B 443 -32.34 30.26 -1.41
CA ASN B 443 -33.07 29.20 -0.75
C ASN B 443 -33.21 28.05 -1.75
N MET B 444 -33.75 26.93 -1.27
CA MET B 444 -33.76 25.66 -1.99
C MET B 444 -34.75 25.68 -3.16
N TYR B 445 -35.65 26.68 -3.19
CA TYR B 445 -36.61 26.81 -4.29
C TYR B 445 -36.19 27.80 -5.37
N ASP B 446 -35.09 28.54 -5.21
CA ASP B 446 -34.73 29.56 -6.17
C ASP B 446 -34.35 28.93 -7.51
N ASN B 447 -34.34 29.74 -8.57
CA ASN B 447 -34.03 29.28 -9.90
C ASN B 447 -32.59 29.69 -10.17
N TYR B 448 -31.66 28.74 -10.24
CA TYR B 448 -30.26 29.11 -10.35
C TYR B 448 -29.73 28.87 -11.77
N GLU B 449 -30.63 28.68 -12.74
CA GLU B 449 -30.19 28.24 -14.06
C GLU B 449 -29.17 29.25 -14.58
N ASN B 450 -28.04 28.76 -15.13
CA ASN B 450 -26.95 29.55 -15.67
C ASN B 450 -26.27 30.40 -14.61
N LYS B 451 -26.35 30.00 -13.33
CA LYS B 451 -25.63 30.72 -12.28
C LYS B 451 -24.52 29.82 -11.73
N GLY B 452 -23.34 30.42 -11.52
CA GLY B 452 -22.14 29.75 -11.08
C GLY B 452 -21.53 28.75 -12.09
N VAL B 453 -20.52 28.01 -11.62
CA VAL B 453 -19.75 27.14 -12.50
C VAL B 453 -20.43 25.77 -12.53
N ASP B 454 -20.79 25.32 -13.74
CA ASP B 454 -21.38 23.99 -13.88
C ASP B 454 -20.24 23.00 -14.06
N GLN B 455 -19.64 22.56 -12.94
CA GLN B 455 -18.46 21.72 -13.02
C GLN B 455 -18.82 20.33 -13.53
N LEU B 456 -20.03 19.83 -13.31
CA LEU B 456 -20.42 18.53 -13.84
C LEU B 456 -20.35 18.56 -15.39
N LYS B 457 -20.98 19.53 -16.02
CA LYS B 457 -20.89 19.69 -17.46
C LYS B 457 -19.44 19.87 -17.91
N ASN B 458 -18.68 20.68 -17.18
CA ASN B 458 -17.28 20.92 -17.49
C ASN B 458 -16.46 19.64 -17.51
N ILE B 459 -16.64 18.74 -16.51
CA ILE B 459 -15.73 17.59 -16.44
C ILE B 459 -16.11 16.60 -17.55
N ILE B 460 -17.40 16.54 -17.87
CA ILE B 460 -17.86 15.64 -18.91
C ILE B 460 -17.29 16.10 -20.25
N ASN B 461 -17.34 17.41 -20.52
CA ASN B 461 -16.71 17.97 -21.71
C ASN B 461 -15.19 17.76 -21.78
N LEU B 462 -14.51 17.82 -20.61
CA LEU B 462 -13.06 17.64 -20.57
C LEU B 462 -12.71 16.18 -20.91
N ILE B 463 -13.46 15.24 -20.34
CA ILE B 463 -13.28 13.84 -20.61
C ILE B 463 -13.42 13.58 -22.12
N LYS B 464 -14.48 14.12 -22.72
CA LYS B 464 -14.76 13.94 -24.15
C LYS B 464 -13.73 14.62 -25.04
N ASN B 465 -13.33 15.86 -24.75
CA ASN B 465 -12.54 16.68 -25.67
C ASN B 465 -11.06 16.81 -25.31
N ASP B 466 -10.68 16.57 -24.04
CA ASP B 466 -9.30 16.64 -23.66
C ASP B 466 -9.00 15.57 -22.62
N PRO B 467 -9.14 14.28 -23.00
CA PRO B 467 -9.04 13.19 -22.03
C PRO B 467 -7.72 13.10 -21.28
N THR B 468 -6.61 13.61 -21.83
CA THR B 468 -5.37 13.53 -21.06
C THR B 468 -5.16 14.72 -20.12
N SER B 469 -6.20 15.55 -19.96
CA SER B 469 -6.17 16.61 -18.94
C SER B 469 -5.89 16.03 -17.56
N ARG B 470 -5.06 16.74 -16.80
CA ARG B 470 -4.86 16.42 -15.39
C ARG B 470 -5.69 17.36 -14.51
N ARG B 471 -6.72 18.02 -15.07
CA ARG B 471 -7.49 19.01 -14.32
C ARG B 471 -8.95 18.62 -14.36
N ILE B 472 -9.22 17.32 -14.59
CA ILE B 472 -10.59 16.85 -14.60
C ILE B 472 -10.98 16.53 -13.15
N LEU B 473 -11.39 17.57 -12.43
CA LEU B 473 -11.75 17.47 -11.02
C LEU B 473 -13.14 18.00 -10.81
N LEU B 474 -13.86 17.35 -9.91
CA LEU B 474 -15.17 17.76 -9.44
C LEU B 474 -15.08 17.96 -7.92
N CYS B 475 -15.31 19.20 -7.43
CA CYS B 475 -14.98 19.57 -6.06
C CYS B 475 -16.25 20.11 -5.38
N ALA B 476 -16.59 19.53 -4.24
CA ALA B 476 -17.73 19.96 -3.42
C ALA B 476 -17.31 20.85 -2.27
N TRP B 477 -16.06 20.82 -1.88
CA TRP B 477 -15.56 21.67 -0.78
C TRP B 477 -15.42 23.13 -1.25
N ASN B 478 -16.53 23.87 -1.17
CA ASN B 478 -16.51 25.31 -1.43
C ASN B 478 -16.27 26.00 -0.09
N VAL B 479 -15.04 26.44 0.14
CA VAL B 479 -14.60 27.05 1.38
C VAL B 479 -15.48 28.22 1.78
N LYS B 480 -15.90 28.99 0.77
CA LYS B 480 -16.77 30.15 0.99
C LYS B 480 -18.13 29.76 1.61
N ASP B 481 -18.68 28.60 1.18
CA ASP B 481 -20.05 28.20 1.47
C ASP B 481 -20.18 27.19 2.63
N LEU B 482 -19.07 26.71 3.20
CA LEU B 482 -19.12 25.63 4.19
C LEU B 482 -20.09 25.93 5.33
N ASP B 483 -20.03 27.13 5.88
CA ASP B 483 -20.78 27.46 7.07
C ASP B 483 -22.28 27.57 6.77
N GLN B 484 -22.64 27.80 5.50
CA GLN B 484 -24.01 27.80 5.04
C GLN B 484 -24.52 26.39 4.68
N MET B 485 -23.65 25.40 4.58
CA MET B 485 -24.10 24.03 4.42
C MET B 485 -24.65 23.41 5.73
N ALA B 486 -25.65 22.53 5.61
CA ALA B 486 -26.11 21.79 6.78
C ALA B 486 -24.94 21.04 7.40
N LEU B 487 -24.06 20.47 6.56
CA LEU B 487 -22.74 20.10 7.02
C LEU B 487 -21.79 20.10 5.84
N PRO B 488 -20.50 20.30 6.12
CA PRO B 488 -19.49 20.30 5.06
C PRO B 488 -19.39 18.92 4.42
N PRO B 489 -19.03 18.82 3.13
CA PRO B 489 -19.02 17.53 2.43
C PRO B 489 -17.99 16.57 2.99
N CYS B 490 -18.34 15.29 3.12
CA CYS B 490 -17.36 14.26 3.46
C CYS B 490 -16.57 13.87 2.21
N HIS B 491 -17.27 13.82 1.07
CA HIS B 491 -16.67 13.51 -0.23
C HIS B 491 -16.16 14.79 -0.87
N ILE B 492 -14.86 15.07 -0.66
CA ILE B 492 -14.28 16.37 -1.00
C ILE B 492 -14.25 16.56 -2.52
N LEU B 493 -13.69 15.59 -3.24
CA LEU B 493 -13.50 15.75 -4.67
C LEU B 493 -13.46 14.38 -5.36
N CYS B 494 -13.71 14.37 -6.68
CA CYS B 494 -13.43 13.28 -7.58
C CYS B 494 -12.46 13.82 -8.64
N GLN B 495 -11.45 13.04 -8.96
CA GLN B 495 -10.63 13.30 -10.12
C GLN B 495 -10.77 12.10 -11.04
N PHE B 496 -10.61 12.36 -12.37
CA PHE B 496 -10.81 11.41 -13.43
C PHE B 496 -9.52 11.27 -14.23
N TYR B 497 -9.36 10.07 -14.81
CA TYR B 497 -8.21 9.71 -15.62
C TYR B 497 -8.69 8.88 -16.81
N VAL B 498 -8.23 9.18 -18.02
CA VAL B 498 -8.67 8.44 -19.19
C VAL B 498 -7.43 7.87 -19.85
N PHE B 499 -7.40 6.55 -20.04
CA PHE B 499 -6.40 5.91 -20.90
C PHE B 499 -7.05 4.80 -21.74
N ASP B 500 -6.75 4.82 -23.04
CA ASP B 500 -7.14 3.76 -23.98
C ASP B 500 -8.64 3.45 -23.89
N GLY B 501 -9.50 4.47 -23.97
CA GLY B 501 -10.92 4.22 -23.92
C GLY B 501 -11.44 3.86 -22.53
N LYS B 502 -10.66 4.07 -21.49
CA LYS B 502 -11.12 3.64 -20.16
C LYS B 502 -11.00 4.77 -19.12
N LEU B 503 -11.93 4.79 -18.17
CA LEU B 503 -12.10 5.88 -17.23
C LEU B 503 -11.86 5.38 -15.80
N SER B 504 -10.95 6.04 -15.07
CA SER B 504 -10.80 5.74 -13.65
C SER B 504 -11.12 7.02 -12.87
N CYS B 505 -11.41 6.86 -11.58
CA CYS B 505 -11.90 7.91 -10.71
C CYS B 505 -11.31 7.71 -9.31
N ILE B 506 -10.69 8.77 -8.77
CA ILE B 506 -10.27 8.86 -7.37
C ILE B 506 -11.28 9.76 -6.68
N MET B 507 -11.81 9.34 -5.53
CA MET B 507 -12.59 10.16 -4.63
C MET B 507 -11.85 10.26 -3.31
N TYR B 508 -11.68 11.49 -2.84
CA TYR B 508 -11.00 11.81 -1.57
C TYR B 508 -12.07 12.10 -0.53
N GLN B 509 -12.05 11.28 0.54
CA GLN B 509 -13.04 11.39 1.61
C GLN B 509 -12.36 11.83 2.90
N ARG B 510 -12.71 13.00 3.46
CA ARG B 510 -12.06 13.56 4.65
C ARG B 510 -12.42 12.79 5.92
N SER B 511 -13.61 12.18 5.91
CA SER B 511 -14.18 11.56 7.10
C SER B 511 -14.98 10.33 6.72
N CYS B 512 -14.67 9.20 7.39
CA CYS B 512 -14.93 7.84 6.89
C CYS B 512 -15.40 6.99 8.05
N ASP B 513 -16.71 6.77 8.11
CA ASP B 513 -17.30 5.87 9.09
C ASP B 513 -17.27 4.50 8.47
N LEU B 514 -16.24 3.74 8.85
CA LEU B 514 -15.94 2.48 8.20
C LEU B 514 -17.14 1.53 8.33
N GLY B 515 -17.86 1.56 9.48
CA GLY B 515 -18.87 0.59 9.84
C GLY B 515 -20.17 0.75 9.03
N LEU B 516 -20.60 1.99 8.85
CA LEU B 516 -21.91 2.26 8.29
C LEU B 516 -21.79 3.06 7.00
N GLY B 517 -21.01 4.14 7.00
CA GLY B 517 -20.83 5.00 5.83
C GLY B 517 -20.08 4.40 4.61
N VAL B 518 -18.81 4.00 4.81
CA VAL B 518 -17.89 3.63 3.74
C VAL B 518 -18.45 2.57 2.79
N PRO B 519 -19.16 1.51 3.23
CA PRO B 519 -19.80 0.57 2.31
C PRO B 519 -20.75 1.16 1.26
N PHE B 520 -21.61 2.08 1.72
CA PHE B 520 -22.49 2.83 0.82
C PHE B 520 -21.64 3.75 -0.06
N ASN B 521 -20.62 4.38 0.51
CA ASN B 521 -19.82 5.36 -0.21
C ASN B 521 -19.08 4.71 -1.40
N ILE B 522 -18.49 3.53 -1.20
CA ILE B 522 -17.86 2.82 -2.30
C ILE B 522 -18.90 2.55 -3.41
N ALA B 523 -20.11 2.09 -3.02
CA ALA B 523 -21.16 1.81 -4.03
C ALA B 523 -21.54 3.06 -4.83
N SER B 524 -21.74 4.14 -4.10
CA SER B 524 -22.19 5.37 -4.71
C SER B 524 -21.22 5.86 -5.81
N TYR B 525 -19.91 5.94 -5.50
CA TYR B 525 -18.94 6.51 -6.43
C TYR B 525 -18.54 5.49 -7.50
N SER B 526 -18.73 4.19 -7.23
CA SER B 526 -18.60 3.20 -8.31
C SER B 526 -19.73 3.37 -9.34
N ILE B 527 -20.98 3.54 -8.88
CA ILE B 527 -22.13 3.82 -9.75
C ILE B 527 -21.81 5.08 -10.57
N PHE B 528 -21.41 6.16 -9.88
CA PHE B 528 -21.13 7.41 -10.56
C PHE B 528 -20.07 7.22 -11.65
N THR B 529 -18.98 6.48 -11.35
CA THR B 529 -17.93 6.23 -12.33
C THR B 529 -18.49 5.57 -13.61
N HIS B 530 -19.36 4.60 -13.44
CA HIS B 530 -20.05 3.95 -14.55
C HIS B 530 -20.92 4.95 -15.34
N MET B 531 -21.63 5.83 -14.62
CA MET B 531 -22.52 6.78 -15.27
C MET B 531 -21.73 7.74 -16.16
N ILE B 532 -20.64 8.32 -15.63
CA ILE B 532 -19.78 9.20 -16.42
C ILE B 532 -19.16 8.43 -17.58
N ALA B 533 -18.75 7.16 -17.36
CA ALA B 533 -18.08 6.42 -18.42
C ALA B 533 -19.05 6.24 -19.59
N GLN B 534 -20.23 5.71 -19.28
CA GLN B 534 -21.22 5.50 -20.31
C GLN B 534 -21.54 6.79 -21.09
N VAL B 535 -21.80 7.92 -20.41
CA VAL B 535 -22.20 9.10 -21.17
C VAL B 535 -21.01 9.64 -22.00
N CYS B 536 -19.78 9.18 -21.75
CA CYS B 536 -18.61 9.66 -22.49
C CYS B 536 -18.06 8.58 -23.42
N ASN B 537 -18.86 7.52 -23.59
CA ASN B 537 -18.52 6.37 -24.42
C ASN B 537 -17.18 5.77 -24.02
N LEU B 538 -16.95 5.58 -22.71
CA LEU B 538 -15.73 4.94 -22.26
C LEU B 538 -16.13 3.70 -21.48
N GLN B 539 -15.17 2.84 -21.17
CA GLN B 539 -15.43 1.74 -20.26
C GLN B 539 -14.87 2.07 -18.89
N PRO B 540 -15.54 1.68 -17.79
CA PRO B 540 -15.06 1.98 -16.44
C PRO B 540 -13.86 1.08 -16.18
N ALA B 541 -12.87 1.62 -15.48
CA ALA B 541 -11.68 0.85 -15.10
C ALA B 541 -11.67 0.78 -13.57
N GLN B 542 -10.94 1.67 -12.89
CA GLN B 542 -10.82 1.58 -11.44
C GLN B 542 -11.53 2.71 -10.72
N PHE B 543 -12.12 2.33 -9.58
CA PHE B 543 -12.56 3.29 -8.61
C PHE B 543 -11.53 3.19 -7.49
N ILE B 544 -11.03 4.35 -7.09
CA ILE B 544 -9.94 4.49 -6.14
C ILE B 544 -10.42 5.40 -5.03
N HIS B 545 -10.42 4.87 -3.81
CA HIS B 545 -11.00 5.55 -2.69
C HIS B 545 -9.93 5.90 -1.67
N VAL B 546 -9.73 7.21 -1.46
CA VAL B 546 -8.73 7.66 -0.51
C VAL B 546 -9.45 8.11 0.75
N LEU B 547 -9.07 7.51 1.88
CA LEU B 547 -9.69 7.74 3.18
C LEU B 547 -8.75 8.64 3.96
N GLY B 548 -9.24 9.79 4.42
CA GLY B 548 -8.51 10.66 5.33
C GLY B 548 -8.63 10.18 6.77
N ASN B 549 -9.47 10.88 7.56
CA ASN B 549 -9.78 10.44 8.91
C ASN B 549 -10.72 9.23 8.83
N ALA B 550 -10.18 8.08 9.19
CA ALA B 550 -10.82 6.79 8.96
C ALA B 550 -11.11 6.19 10.34
N HIS B 551 -12.37 6.00 10.69
CA HIS B 551 -12.77 5.65 12.06
C HIS B 551 -13.80 4.55 12.11
N VAL B 552 -13.69 3.78 13.19
CA VAL B 552 -14.70 2.83 13.63
C VAL B 552 -15.27 3.36 14.95
N TYR B 553 -16.58 3.65 14.97
CA TYR B 553 -17.36 3.95 16.15
C TYR B 553 -17.31 2.77 17.13
N ASN B 554 -17.05 3.09 18.39
CA ASN B 554 -16.96 2.05 19.43
C ASN B 554 -18.24 1.22 19.53
N ASN B 555 -19.40 1.78 19.16
CA ASN B 555 -20.65 1.02 19.15
C ASN B 555 -20.80 0.11 17.92
N HIS B 556 -19.80 0.07 17.02
CA HIS B 556 -19.85 -0.84 15.87
C HIS B 556 -18.91 -2.03 16.04
N ILE B 557 -18.12 -2.08 17.11
CA ILE B 557 -17.00 -3.02 17.18
C ILE B 557 -17.49 -4.47 17.18
N ASP B 558 -18.55 -4.75 17.94
CA ASP B 558 -19.01 -6.12 18.11
C ASP B 558 -19.58 -6.62 16.77
N SER B 559 -20.38 -5.77 16.12
CA SER B 559 -20.88 -6.06 14.79
C SER B 559 -19.75 -6.26 13.77
N LEU B 560 -18.66 -5.49 13.83
CA LEU B 560 -17.62 -5.60 12.80
C LEU B 560 -16.78 -6.88 13.04
N LYS B 561 -16.75 -7.32 14.32
CA LYS B 561 -16.16 -8.58 14.71
C LYS B 561 -16.90 -9.73 14.02
N ILE B 562 -18.23 -9.71 14.08
CA ILE B 562 -19.02 -10.73 13.40
C ILE B 562 -18.71 -10.67 11.90
N GLN B 563 -18.62 -9.45 11.34
CA GLN B 563 -18.46 -9.26 9.90
C GLN B 563 -17.10 -9.77 9.39
N LEU B 564 -16.07 -9.56 10.19
CA LEU B 564 -14.70 -9.94 9.78
C LEU B 564 -14.53 -11.46 9.64
N ASN B 565 -15.39 -12.23 10.31
CA ASN B 565 -15.29 -13.67 10.35
C ASN B 565 -16.26 -14.28 9.35
N ARG B 566 -16.85 -13.46 8.48
CA ARG B 566 -17.59 -13.99 7.36
C ARG B 566 -16.71 -13.99 6.12
N ILE B 567 -16.87 -15.01 5.28
CA ILE B 567 -16.12 -15.07 4.04
C ILE B 567 -16.92 -14.42 2.92
N PRO B 568 -16.32 -13.46 2.19
CA PRO B 568 -16.99 -12.84 1.06
C PRO B 568 -17.41 -13.87 0.01
N TYR B 569 -18.50 -13.53 -0.67
CA TYR B 569 -18.92 -14.19 -1.89
C TYR B 569 -18.45 -13.38 -3.09
N PRO B 570 -18.43 -13.97 -4.31
CA PRO B 570 -18.14 -13.22 -5.52
C PRO B 570 -19.16 -12.09 -5.65
N PHE B 571 -18.64 -10.96 -6.09
CA PHE B 571 -19.42 -9.75 -6.20
C PHE B 571 -20.47 -9.83 -7.31
N PRO B 572 -21.48 -8.95 -7.19
CA PRO B 572 -22.46 -8.77 -8.25
C PRO B 572 -21.88 -7.96 -9.39
N THR B 573 -22.78 -7.68 -10.32
CA THR B 573 -22.59 -6.90 -11.52
C THR B 573 -23.61 -5.76 -11.50
N LEU B 574 -23.21 -4.59 -12.00
CA LEU B 574 -24.11 -3.47 -12.23
C LEU B 574 -24.40 -3.36 -13.74
N LYS B 575 -25.67 -3.28 -14.10
CA LYS B 575 -26.03 -2.97 -15.48
C LYS B 575 -26.77 -1.63 -15.56
N LEU B 576 -26.30 -0.72 -16.40
CA LEU B 576 -27.07 0.47 -16.74
C LEU B 576 -27.80 0.27 -18.07
N ASN B 577 -29.00 0.83 -18.15
CA ASN B 577 -29.68 0.95 -19.43
C ASN B 577 -28.75 1.60 -20.45
N PRO B 578 -28.41 0.94 -21.58
CA PRO B 578 -27.39 1.44 -22.52
C PRO B 578 -27.79 2.63 -23.40
N ASP B 579 -29.08 2.96 -23.38
CA ASP B 579 -29.65 4.06 -24.15
C ASP B 579 -29.22 5.42 -23.58
N ILE B 580 -28.95 5.52 -22.26
CA ILE B 580 -28.71 6.81 -21.64
C ILE B 580 -27.34 7.31 -22.08
N LYS B 581 -27.30 8.42 -22.81
CA LYS B 581 -26.04 9.01 -23.24
C LYS B 581 -25.84 10.42 -22.69
N ASN B 582 -26.66 10.84 -21.71
CA ASN B 582 -26.56 12.17 -21.11
C ASN B 582 -26.67 12.08 -19.58
N ILE B 583 -25.73 12.74 -18.86
CA ILE B 583 -25.65 12.49 -17.42
C ILE B 583 -26.98 12.83 -16.71
N GLU B 584 -27.75 13.78 -17.26
CA GLU B 584 -28.99 14.26 -16.66
C GLU B 584 -30.17 13.33 -16.98
N ASP B 585 -29.99 12.26 -17.76
CA ASP B 585 -31.14 11.51 -18.30
C ASP B 585 -31.42 10.21 -17.54
N PHE B 586 -30.64 9.87 -16.51
CA PHE B 586 -30.82 8.61 -15.82
C PHE B 586 -32.01 8.74 -14.86
N THR B 587 -32.73 7.62 -14.67
CA THR B 587 -33.78 7.50 -13.68
C THR B 587 -33.58 6.20 -12.91
N ILE B 588 -34.37 6.03 -11.85
CA ILE B 588 -34.15 4.94 -10.93
C ILE B 588 -34.20 3.59 -11.67
N SER B 589 -35.00 3.52 -12.75
CA SER B 589 -35.27 2.26 -13.42
C SER B 589 -34.11 1.90 -14.36
N ASP B 590 -33.13 2.80 -14.53
CA ASP B 590 -32.03 2.52 -15.43
C ASP B 590 -30.88 1.74 -14.79
N PHE B 591 -31.06 1.28 -13.54
CA PHE B 591 -30.01 0.65 -12.76
C PHE B 591 -30.42 -0.75 -12.30
N THR B 592 -29.60 -1.77 -12.59
CA THR B 592 -29.89 -3.12 -12.11
C THR B 592 -28.62 -3.75 -11.57
N ILE B 593 -28.69 -4.16 -10.29
CA ILE B 593 -27.71 -5.04 -9.66
C ILE B 593 -28.07 -6.48 -9.98
N GLN B 594 -27.12 -7.25 -10.53
CA GLN B 594 -27.36 -8.64 -10.86
C GLN B 594 -26.45 -9.54 -10.02
N ASN B 595 -27.01 -10.68 -9.58
CA ASN B 595 -26.29 -11.76 -8.97
C ASN B 595 -25.63 -11.36 -7.64
N TYR B 596 -26.31 -10.51 -6.90
CA TYR B 596 -25.88 -10.14 -5.55
C TYR B 596 -26.18 -11.28 -4.59
N VAL B 597 -25.10 -11.94 -4.18
CA VAL B 597 -25.12 -12.94 -3.12
C VAL B 597 -24.44 -12.34 -1.90
N HIS B 598 -25.11 -12.41 -0.75
CA HIS B 598 -24.67 -11.69 0.43
C HIS B 598 -25.00 -12.51 1.67
N HIS B 599 -24.20 -12.28 2.72
CA HIS B 599 -24.51 -12.74 4.06
C HIS B 599 -25.64 -11.88 4.64
N GLU B 600 -26.13 -12.34 5.79
CA GLU B 600 -27.21 -11.72 6.56
C GLU B 600 -26.91 -10.26 6.86
N LYS B 601 -27.95 -9.42 6.84
CA LYS B 601 -27.84 -8.05 7.30
C LYS B 601 -27.37 -8.02 8.75
N ILE B 602 -26.65 -6.96 9.12
CA ILE B 602 -26.23 -6.68 10.48
C ILE B 602 -26.58 -5.24 10.82
N SER B 603 -27.32 -5.07 11.93
CA SER B 603 -27.46 -3.78 12.61
C SER B 603 -26.11 -3.39 13.20
N MET B 604 -25.46 -2.37 12.63
CA MET B 604 -24.09 -2.09 13.03
C MET B 604 -24.04 -1.71 14.51
N ASP B 605 -25.17 -1.21 15.02
CA ASP B 605 -25.28 -0.89 16.44
C ASP B 605 -26.06 -2.00 17.15
#